data_8R2R
#
_entry.id   8R2R
#
_cell.length_a   121.671
_cell.length_b   121.671
_cell.length_c   249.874
_cell.angle_alpha   90.000
_cell.angle_beta   90.000
_cell.angle_gamma   90.000
#
_symmetry.space_group_name_H-M   'P 41 21 2'
#
loop_
_entity.id
_entity.type
_entity.pdbx_description
1 polymer 'Probable fatty-acid-CoA ligase FadD5 (Fatty-acid-CoA synthetase) (Fatty-acid-CoA synthase)'
2 non-polymer GLYCEROL
3 water water
#
_entity_poly.entity_id   1
_entity_poly.type   'polypeptide(L)'
_entity_poly.pdbx_seq_one_letter_code
;MGSSHHHHHHSQDPNSMTAQLASHLTRALTLAQQQPYLARRQNWVNQLERHAMMQPDAPALRFVGNTMTWADLRRRVAAL
AGALSGRGVGFGDRVMILMLNRTEFVESVLAANMIGAIAVPLNFRLTPTEIAVLVEDCVAHVMLTEAALAPVAIGVRNIQ
PLLSVIVVAGGSSQDSVFGYEDLLNEAGDVHEPVDIPNDSPALIMYTSGTTGRPKGAVLTHANLTGQAMTALYTSGANIN
SDVGFVGVPLFHIAGIGNMLTGLLLGLPTVIYPLGAFDPGQLLDVLEAEKVTGIFLVPAQWQAVCTEQQARPRDLRLRVL
SWGAAPAPDALLRQMSATFPETQILAAFGQTEMSPVTCMLLGEDAIAKRGSVGRVIPTVAARVVDQNMNDVPVGEVGEIV
YRAPTLMSCYWNNPEATAEAFAGGWFHSGDLVRMDSDGYVWVVDRKKDMIISGGENIYCAELENVLASHPDI
;
_entity_poly.pdbx_strand_id   A,B
#
# COMPACT_ATOMS: atom_id res chain seq x y z
N TYR A 37 16.88 -2.11 2.97
CA TYR A 37 16.39 -2.34 1.61
C TYR A 37 17.55 -2.69 0.71
N LEU A 38 17.88 -3.98 0.73
CA LEU A 38 19.15 -4.45 0.17
C LEU A 38 19.16 -4.34 -1.35
N ALA A 39 18.12 -4.83 -2.01
CA ALA A 39 17.96 -4.69 -3.46
C ALA A 39 16.56 -4.21 -3.80
N ARG A 40 16.08 -3.20 -3.05
CA ARG A 40 14.70 -2.70 -3.17
C ARG A 40 13.70 -3.82 -2.87
N ARG A 41 13.93 -4.54 -1.79
CA ARG A 41 13.03 -5.60 -1.36
C ARG A 41 12.00 -5.03 -0.39
N GLN A 42 10.77 -5.54 -0.48
CA GLN A 42 9.70 -5.15 0.44
C GLN A 42 9.26 -6.39 1.22
N ASN A 43 9.63 -6.46 2.49
CA ASN A 43 9.16 -7.50 3.39
C ASN A 43 9.34 -7.03 4.82
N TRP A 44 8.65 -7.69 5.76
CA TRP A 44 8.66 -7.20 7.13
C TRP A 44 9.99 -7.44 7.84
N VAL A 45 10.87 -8.27 7.30
CA VAL A 45 12.21 -8.36 7.85
C VAL A 45 12.98 -7.07 7.57
N ASN A 46 12.87 -6.56 6.34
CA ASN A 46 13.53 -5.29 6.01
C ASN A 46 12.91 -4.13 6.77
N GLN A 47 11.58 -4.13 6.90
CA GLN A 47 10.93 -3.09 7.70
C GLN A 47 11.44 -3.09 9.12
N LEU A 48 11.61 -4.29 9.71
CA LEU A 48 12.15 -4.38 11.06
C LEU A 48 13.55 -3.79 11.14
N GLU A 49 14.40 -4.08 10.15
CA GLU A 49 15.72 -3.48 10.13
C GLU A 49 15.62 -1.96 9.97
N ARG A 50 14.72 -1.49 9.10
CA ARG A 50 14.52 -0.05 8.94
C ARG A 50 14.08 0.61 10.24
N HIS A 51 13.16 -0.02 10.96
CA HIS A 51 12.67 0.59 12.20
C HIS A 51 13.73 0.56 13.29
N ALA A 52 14.50 -0.52 13.37
CA ALA A 52 15.57 -0.59 14.36
C ALA A 52 16.61 0.50 14.13
N MET A 53 16.74 0.99 12.90
CA MET A 53 17.69 2.07 12.62
C MET A 53 17.10 3.45 12.84
N MET A 54 15.86 3.68 12.42
CA MET A 54 15.29 5.02 12.51
C MET A 54 14.68 5.33 13.86
N GLN A 55 14.19 4.33 14.56
CA GLN A 55 13.58 4.57 15.86
C GLN A 55 13.86 3.40 16.79
N PRO A 56 15.12 3.11 17.11
CA PRO A 56 15.42 1.87 17.86
C PRO A 56 14.69 1.76 19.17
N ASP A 57 14.48 2.87 19.87
CA ASP A 57 13.90 2.86 21.21
C ASP A 57 12.39 3.09 21.21
N ALA A 58 11.76 3.06 20.05
CA ALA A 58 10.32 3.18 19.95
C ALA A 58 9.66 1.83 20.22
N PRO A 59 8.43 1.84 20.75
CA PRO A 59 7.78 0.57 21.09
C PRO A 59 7.36 -0.19 19.84
N ALA A 60 7.73 -1.47 19.79
CA ALA A 60 7.35 -2.39 18.71
C ALA A 60 6.21 -3.32 19.14
N LEU A 61 6.44 -4.07 20.22
CA LEU A 61 5.45 -4.99 20.75
C LEU A 61 5.17 -4.65 22.21
N ARG A 62 3.94 -4.90 22.63
CA ARG A 62 3.52 -4.73 24.01
C ARG A 62 2.84 -6.03 24.44
N PHE A 63 3.35 -6.65 25.50
CA PHE A 63 2.81 -7.92 25.98
C PHE A 63 2.86 -7.93 27.51
N VAL A 64 1.68 -8.06 28.13
CA VAL A 64 1.54 -8.14 29.59
C VAL A 64 2.36 -7.04 30.25
N GLY A 65 2.15 -5.79 29.79
CA GLY A 65 2.74 -4.63 30.41
C GLY A 65 4.18 -4.32 30.05
N ASN A 66 4.83 -5.15 29.24
CA ASN A 66 6.23 -4.98 28.91
C ASN A 66 6.41 -4.46 27.49
N THR A 67 7.25 -3.45 27.34
CA THR A 67 7.56 -2.87 26.03
C THR A 67 8.78 -3.56 25.45
N MET A 68 8.68 -3.97 24.19
CA MET A 68 9.82 -4.43 23.40
C MET A 68 10.04 -3.42 22.28
N THR A 69 11.16 -2.70 22.35
CA THR A 69 11.48 -1.71 21.34
C THR A 69 11.86 -2.38 20.03
N TRP A 70 11.96 -1.57 18.97
CA TRP A 70 12.39 -2.08 17.67
C TRP A 70 13.82 -2.60 17.74
N ALA A 71 14.69 -1.92 18.50
CA ALA A 71 16.06 -2.40 18.64
C ALA A 71 16.10 -3.74 19.38
N ASP A 72 15.30 -3.90 20.43
CA ASP A 72 15.24 -5.18 21.12
C ASP A 72 14.72 -6.28 20.20
N LEU A 73 13.68 -5.98 19.42
CA LEU A 73 13.09 -7.01 18.56
C LEU A 73 14.05 -7.45 17.47
N ARG A 74 14.78 -6.50 16.86
CA ARG A 74 15.74 -6.87 15.82
C ARG A 74 16.88 -7.69 16.39
N ARG A 75 17.41 -7.30 17.56
CA ARG A 75 18.48 -8.07 18.19
C ARG A 75 18.05 -9.50 18.46
N ARG A 76 16.87 -9.68 19.05
CA ARG A 76 16.37 -11.01 19.34
C ARG A 76 16.11 -11.81 18.06
N VAL A 77 15.45 -11.20 17.08
CA VAL A 77 15.19 -11.89 15.82
C VAL A 77 16.49 -12.34 15.17
N ALA A 78 17.50 -11.46 15.15
CA ALA A 78 18.77 -11.81 14.53
C ALA A 78 19.46 -12.95 15.26
N ALA A 79 19.40 -12.96 16.59
CA ALA A 79 19.99 -14.06 17.36
C ALA A 79 19.30 -15.39 17.05
N LEU A 80 17.97 -15.38 16.93
CA LEU A 80 17.26 -16.62 16.64
C LEU A 80 17.54 -17.10 15.22
N ALA A 81 17.70 -16.16 14.29
CA ALA A 81 18.07 -16.54 12.93
C ALA A 81 19.47 -17.14 12.89
N GLY A 82 20.40 -16.59 13.67
CA GLY A 82 21.71 -17.20 13.77
C GLY A 82 21.65 -18.60 14.38
N ALA A 83 20.84 -18.76 15.42
CA ALA A 83 20.69 -20.08 16.03
C ALA A 83 20.10 -21.08 15.06
N LEU A 84 19.16 -20.63 14.22
CA LEU A 84 18.52 -21.50 13.25
C LEU A 84 19.52 -21.98 12.20
N SER A 85 20.18 -21.06 11.51
CA SER A 85 21.06 -21.41 10.40
C SER A 85 22.26 -22.20 10.91
N GLY A 86 22.44 -22.22 12.23
CA GLY A 86 23.31 -23.14 12.94
C GLY A 86 22.78 -24.54 13.09
N ARG A 87 21.58 -24.83 12.57
CA ARG A 87 21.03 -26.18 12.54
C ARG A 87 20.79 -26.66 11.12
N GLY A 88 21.46 -26.07 10.13
CA GLY A 88 21.30 -26.52 8.77
C GLY A 88 20.05 -26.05 8.07
N VAL A 89 19.23 -25.23 8.72
CA VAL A 89 18.05 -24.65 8.08
C VAL A 89 18.48 -23.41 7.31
N GLY A 90 18.10 -23.36 6.03
CA GLY A 90 18.46 -22.27 5.17
C GLY A 90 17.31 -21.87 4.25
N PHE A 91 17.63 -21.21 3.14
CA PHE A 91 16.61 -20.68 2.25
C PHE A 91 15.65 -21.78 1.82
N GLY A 92 14.35 -21.49 1.93
CA GLY A 92 13.32 -22.40 1.49
C GLY A 92 12.93 -23.47 2.49
N ASP A 93 13.77 -23.75 3.48
CA ASP A 93 13.43 -24.71 4.51
C ASP A 93 12.27 -24.21 5.35
N ARG A 94 11.53 -25.14 5.93
CA ARG A 94 10.33 -24.83 6.69
C ARG A 94 10.62 -24.92 8.18
N VAL A 95 10.22 -23.88 8.91
CA VAL A 95 10.33 -23.83 10.36
C VAL A 95 8.91 -23.75 10.93
N MET A 96 8.60 -24.65 11.84
CA MET A 96 7.26 -24.72 12.41
C MET A 96 7.21 -23.97 13.74
N ILE A 97 6.09 -23.30 13.98
CA ILE A 97 5.88 -22.50 15.18
C ILE A 97 4.64 -23.01 15.88
N LEU A 98 4.81 -23.46 17.13
CA LEU A 98 3.71 -23.94 17.96
C LEU A 98 3.73 -23.10 19.24
N MET A 99 3.04 -21.97 19.22
CA MET A 99 3.06 -21.03 20.33
C MET A 99 1.69 -20.38 20.52
N LEU A 100 1.47 -19.93 21.76
CA LEU A 100 0.31 -19.10 22.09
C LEU A 100 0.61 -17.65 21.74
N ASN A 101 -0.30 -16.74 22.07
CA ASN A 101 -0.07 -15.32 21.84
C ASN A 101 1.04 -14.83 22.76
N ARG A 102 2.16 -14.47 22.17
CA ARG A 102 3.42 -14.29 22.88
C ARG A 102 4.38 -13.63 21.91
N THR A 103 5.28 -12.78 22.43
CA THR A 103 6.19 -12.07 21.53
C THR A 103 7.05 -13.03 20.73
N GLU A 104 7.44 -14.16 21.32
CA GLU A 104 8.28 -15.12 20.63
C GLU A 104 7.64 -15.61 19.33
N PHE A 105 6.31 -15.60 19.23
CA PHE A 105 5.66 -15.95 17.97
C PHE A 105 6.10 -15.02 16.85
N VAL A 106 6.07 -13.70 17.11
CA VAL A 106 6.50 -12.73 16.11
C VAL A 106 8.00 -12.84 15.89
N GLU A 107 8.77 -13.04 16.96
CA GLU A 107 10.21 -13.21 16.79
C GLU A 107 10.53 -14.42 15.92
N SER A 108 9.79 -15.51 16.09
CA SER A 108 10.04 -16.72 15.30
C SER A 108 9.72 -16.50 13.83
N VAL A 109 8.57 -15.88 13.53
CA VAL A 109 8.22 -15.64 12.14
C VAL A 109 9.29 -14.81 11.46
N LEU A 110 9.69 -13.69 12.08
CA LEU A 110 10.68 -12.82 11.47
C LEU A 110 12.05 -13.49 11.39
N ALA A 111 12.39 -14.32 12.37
CA ALA A 111 13.70 -14.96 12.38
C ALA A 111 13.82 -16.00 11.27
N ALA A 112 12.75 -16.76 11.01
CA ALA A 112 12.76 -17.70 9.91
C ALA A 112 12.80 -16.97 8.57
N ASN A 113 11.99 -15.92 8.41
CA ASN A 113 12.00 -15.18 7.16
C ASN A 113 13.30 -14.43 6.95
N MET A 114 14.00 -14.08 8.03
CA MET A 114 15.26 -13.34 7.90
C MET A 114 16.32 -14.14 7.17
N ILE A 115 16.27 -15.47 7.25
CA ILE A 115 17.21 -16.33 6.55
C ILE A 115 16.56 -16.98 5.34
N GLY A 116 15.39 -16.49 4.91
CA GLY A 116 14.70 -17.06 3.77
C GLY A 116 13.92 -18.32 4.06
N ALA A 117 13.86 -18.77 5.31
CA ALA A 117 13.06 -19.93 5.67
C ALA A 117 11.59 -19.56 5.74
N ILE A 118 10.75 -20.58 5.59
CA ILE A 118 9.30 -20.40 5.54
C ILE A 118 8.73 -20.78 6.89
N ALA A 119 8.02 -19.85 7.53
CA ALA A 119 7.44 -20.07 8.84
C ALA A 119 6.08 -20.74 8.69
N VAL A 120 5.86 -21.80 9.47
CA VAL A 120 4.58 -22.52 9.41
C VAL A 120 3.90 -22.45 10.77
N PRO A 121 3.04 -21.46 11.01
CA PRO A 121 2.34 -21.39 12.29
C PRO A 121 1.33 -22.52 12.43
N LEU A 122 1.27 -23.09 13.62
CA LEU A 122 0.46 -24.27 13.91
C LEU A 122 -0.68 -23.95 14.85
N ASN A 123 -1.84 -24.54 14.59
CA ASN A 123 -2.99 -24.51 15.49
C ASN A 123 -2.67 -25.34 16.73
N PHE A 124 -2.48 -24.66 17.88
CA PHE A 124 -2.10 -25.36 19.09
C PHE A 124 -3.20 -26.26 19.65
N ARG A 125 -4.39 -26.25 19.05
CA ARG A 125 -5.44 -27.18 19.46
C ARG A 125 -5.31 -28.55 18.80
N LEU A 126 -4.38 -28.72 17.87
CA LEU A 126 -4.24 -29.98 17.17
C LEU A 126 -3.59 -31.02 18.08
N THR A 127 -4.00 -32.28 17.91
CA THR A 127 -3.34 -33.36 18.59
C THR A 127 -1.93 -33.52 18.04
N PRO A 128 -1.03 -34.17 18.79
CA PRO A 128 0.32 -34.40 18.27
C PRO A 128 0.32 -35.22 16.99
N THR A 129 -0.64 -36.14 16.82
CA THR A 129 -0.75 -36.89 15.57
C THR A 129 -1.11 -35.97 14.41
N GLU A 130 -2.05 -35.05 14.63
CA GLU A 130 -2.44 -34.11 13.58
C GLU A 130 -1.28 -33.19 13.21
N ILE A 131 -0.54 -32.71 14.20
CA ILE A 131 0.64 -31.88 13.92
C ILE A 131 1.67 -32.67 13.13
N ALA A 132 1.86 -33.94 13.48
CA ALA A 132 2.84 -34.77 12.77
C ALA A 132 2.47 -34.95 11.30
N VAL A 133 1.18 -34.90 10.97
CA VAL A 133 0.76 -34.93 9.57
C VAL A 133 1.26 -33.69 8.84
N LEU A 134 1.15 -32.53 9.48
CA LEU A 134 1.64 -31.29 8.87
C LEU A 134 3.15 -31.29 8.76
N VAL A 135 3.84 -31.84 9.76
CA VAL A 135 5.30 -31.97 9.69
C VAL A 135 5.68 -32.83 8.50
N GLU A 136 4.90 -33.87 8.22
CA GLU A 136 5.18 -34.74 7.09
C GLU A 136 4.92 -34.01 5.77
N ASP A 137 3.84 -33.24 5.68
CA ASP A 137 3.46 -32.65 4.41
C ASP A 137 4.51 -31.64 3.92
N CYS A 138 4.97 -30.74 4.79
CA CYS A 138 5.95 -29.74 4.39
C CYS A 138 7.37 -30.15 4.74
N VAL A 139 7.57 -31.35 5.28
CA VAL A 139 8.90 -31.90 5.53
C VAL A 139 9.72 -30.94 6.38
N ALA A 140 9.17 -30.54 7.52
CA ALA A 140 9.86 -29.62 8.40
C ALA A 140 10.77 -30.38 9.34
N HIS A 141 11.89 -29.75 9.71
CA HIS A 141 12.86 -30.35 10.61
C HIS A 141 13.09 -29.54 11.88
N VAL A 142 12.47 -28.37 12.00
CA VAL A 142 12.64 -27.50 13.16
C VAL A 142 11.27 -27.05 13.65
N MET A 143 11.05 -27.10 14.96
CA MET A 143 9.83 -26.58 15.57
C MET A 143 10.19 -25.65 16.72
N LEU A 144 9.78 -24.40 16.62
CA LEU A 144 9.93 -23.42 17.68
C LEU A 144 8.63 -23.39 18.47
N THR A 145 8.68 -23.84 19.73
CA THR A 145 7.52 -23.90 20.60
C THR A 145 7.80 -23.13 21.89
N GLU A 146 6.95 -23.35 22.91
CA GLU A 146 7.12 -22.71 24.21
C GLU A 146 6.95 -23.76 25.30
N ALA A 147 7.19 -23.33 26.55
CA ALA A 147 7.14 -24.26 27.67
C ALA A 147 5.79 -24.93 27.80
N ALA A 148 4.70 -24.17 27.63
CA ALA A 148 3.37 -24.74 27.82
C ALA A 148 3.10 -25.86 26.81
N LEU A 149 3.50 -25.65 25.55
CA LEU A 149 3.22 -26.60 24.49
C LEU A 149 4.37 -27.55 24.22
N ALA A 150 5.45 -27.47 25.00
CA ALA A 150 6.58 -28.35 24.79
C ALA A 150 6.25 -29.83 24.93
N PRO A 151 5.35 -30.27 25.83
CA PRO A 151 4.94 -31.67 25.81
C PRO A 151 4.37 -32.10 24.46
N VAL A 152 3.62 -31.23 23.79
CA VAL A 152 3.04 -31.59 22.50
C VAL A 152 4.13 -31.82 21.46
N ALA A 153 5.17 -30.98 21.47
CA ALA A 153 6.22 -31.07 20.45
C ALA A 153 7.01 -32.37 20.57
N ILE A 154 7.32 -32.78 21.81
CA ILE A 154 8.02 -34.05 22.00
C ILE A 154 7.17 -35.21 21.51
N GLY A 155 5.85 -35.14 21.75
CA GLY A 155 4.96 -36.13 21.20
C GLY A 155 4.99 -36.17 19.69
N VAL A 156 5.10 -34.99 19.05
CA VAL A 156 5.25 -34.94 17.60
C VAL A 156 6.53 -35.64 17.19
N ARG A 157 7.63 -35.38 17.90
CA ARG A 157 8.90 -36.01 17.54
C ARG A 157 8.88 -37.52 17.75
N ASN A 158 8.12 -37.99 18.74
CA ASN A 158 7.97 -39.43 18.93
C ASN A 158 7.18 -40.06 17.79
N ILE A 159 6.29 -39.30 17.17
CA ILE A 159 5.54 -39.79 16.02
C ILE A 159 6.30 -39.56 14.72
N GLN A 160 7.07 -38.49 14.64
CA GLN A 160 7.76 -38.10 13.40
C GLN A 160 9.20 -37.76 13.71
N PRO A 161 10.16 -38.63 13.37
CA PRO A 161 11.57 -38.32 13.67
C PRO A 161 12.18 -37.28 12.75
N LEU A 162 11.47 -36.84 11.70
CA LEU A 162 11.91 -35.71 10.90
C LEU A 162 12.07 -34.44 11.73
N LEU A 163 11.35 -34.34 12.85
CA LEU A 163 11.44 -33.19 13.73
C LEU A 163 12.64 -33.36 14.64
N SER A 164 13.83 -33.11 14.09
CA SER A 164 15.07 -33.30 14.82
C SER A 164 15.42 -32.13 15.74
N VAL A 165 14.74 -30.99 15.62
CA VAL A 165 15.07 -29.80 16.40
C VAL A 165 13.79 -29.24 17.01
N ILE A 166 13.77 -29.12 18.33
CA ILE A 166 12.65 -28.51 19.06
C ILE A 166 13.23 -27.46 20.00
N VAL A 167 13.04 -26.19 19.67
CA VAL A 167 13.50 -25.09 20.49
C VAL A 167 12.33 -24.56 21.31
N VAL A 168 12.53 -24.46 22.62
CA VAL A 168 11.46 -24.11 23.55
C VAL A 168 11.69 -22.71 24.09
N ALA A 169 10.73 -21.82 23.85
CA ALA A 169 10.69 -20.52 24.51
C ALA A 169 10.29 -20.67 25.98
N GLY A 170 11.01 -19.97 26.86
CA GLY A 170 10.75 -20.09 28.26
C GLY A 170 11.23 -21.38 28.89
N GLY A 171 12.14 -22.09 28.22
CA GLY A 171 12.64 -23.35 28.73
C GLY A 171 14.15 -23.42 28.63
N SER A 172 14.71 -24.38 29.36
CA SER A 172 16.15 -24.57 29.43
C SER A 172 16.61 -25.49 28.31
N SER A 173 17.93 -25.49 28.09
CA SER A 173 18.55 -26.38 27.10
C SER A 173 18.77 -27.75 27.73
N GLN A 174 17.66 -28.46 27.92
CA GLN A 174 17.69 -29.78 28.54
C GLN A 174 17.95 -30.86 27.48
N ASP A 175 17.66 -32.10 27.81
CA ASP A 175 17.88 -33.21 26.88
C ASP A 175 16.91 -33.14 25.72
N SER A 176 17.44 -33.10 24.50
CA SER A 176 16.67 -33.04 23.26
C SER A 176 15.80 -31.79 23.16
N VAL A 177 16.12 -30.76 23.94
CA VAL A 177 15.39 -29.49 23.92
C VAL A 177 16.42 -28.38 23.89
N PHE A 178 16.26 -27.46 22.96
CA PHE A 178 17.12 -26.29 22.84
C PHE A 178 16.45 -25.13 23.58
N GLY A 179 17.19 -24.51 24.50
CA GLY A 179 16.67 -23.35 25.19
C GLY A 179 16.58 -22.16 24.25
N TYR A 180 15.43 -21.49 24.26
CA TYR A 180 15.23 -20.34 23.38
C TYR A 180 16.21 -19.22 23.73
N GLU A 181 16.23 -18.80 25.00
CA GLU A 181 17.13 -17.73 25.41
C GLU A 181 18.58 -18.18 25.46
N ASP A 182 18.84 -19.49 25.50
CA ASP A 182 20.21 -19.99 25.43
C ASP A 182 20.75 -19.93 24.01
N LEU A 183 19.92 -20.29 23.01
CA LEU A 183 20.35 -20.18 21.63
C LEU A 183 20.46 -18.73 21.20
N LEU A 184 19.67 -17.84 21.81
CA LEU A 184 19.80 -16.41 21.52
C LEU A 184 21.05 -15.82 22.15
N ASN A 185 21.49 -16.37 23.29
CA ASN A 185 22.70 -15.87 23.93
C ASN A 185 23.93 -16.15 23.09
N GLU A 186 23.95 -17.27 22.37
CA GLU A 186 25.05 -17.54 21.45
C GLU A 186 25.01 -16.58 20.26
N GLU A 192 25.18 -13.45 8.02
CA GLU A 192 25.39 -12.82 6.71
C GLU A 192 24.05 -12.46 6.07
N PRO A 193 24.00 -11.31 5.39
CA PRO A 193 22.73 -10.88 4.78
C PRO A 193 22.28 -11.80 3.67
N VAL A 194 20.96 -11.90 3.51
CA VAL A 194 20.35 -12.78 2.51
C VAL A 194 19.43 -11.94 1.63
N ASP A 195 19.55 -12.14 0.31
CA ASP A 195 18.63 -11.50 -0.62
C ASP A 195 17.33 -12.29 -0.65
N ILE A 196 16.22 -11.60 -0.36
CA ILE A 196 14.91 -12.23 -0.27
C ILE A 196 14.01 -11.57 -1.30
N PRO A 197 13.82 -12.20 -2.47
CA PRO A 197 12.94 -11.63 -3.48
C PRO A 197 11.51 -11.55 -2.95
N ASN A 198 10.82 -10.47 -3.32
CA ASN A 198 9.49 -10.22 -2.79
C ASN A 198 8.53 -11.37 -3.07
N ASP A 199 8.85 -12.24 -4.04
CA ASP A 199 8.03 -13.39 -4.37
C ASP A 199 8.49 -14.65 -3.64
N SER A 200 9.37 -14.53 -2.66
CA SER A 200 9.75 -15.70 -1.88
C SER A 200 8.60 -16.09 -0.96
N PRO A 201 8.32 -17.39 -0.84
CA PRO A 201 7.33 -17.84 0.15
C PRO A 201 7.75 -17.43 1.55
N ALA A 202 6.84 -16.76 2.26
CA ALA A 202 7.06 -16.34 3.64
C ALA A 202 6.40 -17.26 4.66
N LEU A 203 5.21 -17.74 4.35
CA LEU A 203 4.41 -18.53 5.28
C LEU A 203 3.79 -19.70 4.57
N ILE A 204 3.49 -20.76 5.34
CA ILE A 204 2.59 -21.83 4.93
C ILE A 204 1.49 -21.89 5.98
N MET A 205 0.26 -21.58 5.57
CA MET A 205 -0.89 -21.51 6.46
C MET A 205 -1.81 -22.70 6.15
N TYR A 206 -1.79 -23.72 7.00
CA TYR A 206 -2.62 -24.89 6.80
C TYR A 206 -4.06 -24.61 7.19
N THR A 207 -4.99 -25.19 6.43
CA THR A 207 -6.40 -24.99 6.67
C THR A 207 -6.89 -25.88 7.82
N SER A 208 -8.01 -25.47 8.42
CA SER A 208 -8.56 -26.17 9.57
C SER A 208 -9.40 -27.38 9.16
N GLY A 209 -10.05 -27.31 8.00
CA GLY A 209 -10.96 -28.39 7.60
C GLY A 209 -10.27 -29.74 7.56
N THR A 210 -9.11 -29.81 6.89
CA THR A 210 -8.29 -31.01 6.82
C THR A 210 -9.14 -32.27 6.54
N THR A 211 -9.94 -32.18 5.47
CA THR A 211 -10.78 -33.31 5.06
C THR A 211 -9.88 -34.37 4.43
N GLY A 212 -9.20 -35.12 5.29
CA GLY A 212 -8.31 -36.18 4.85
C GLY A 212 -6.90 -35.72 4.51
N ARG A 213 -6.78 -34.88 3.48
CA ARG A 213 -5.47 -34.39 3.05
C ARG A 213 -5.24 -32.98 3.55
N PRO A 214 -4.09 -32.69 4.15
CA PRO A 214 -3.82 -31.31 4.59
C PRO A 214 -3.43 -30.44 3.41
N LYS A 215 -3.83 -29.16 3.48
CA LYS A 215 -3.57 -28.20 2.42
C LYS A 215 -2.92 -26.97 3.02
N GLY A 216 -1.67 -26.72 2.62
CA GLY A 216 -0.92 -25.60 3.14
C GLY A 216 -0.79 -24.46 2.16
N ALA A 217 -1.51 -23.38 2.40
CA ALA A 217 -1.46 -22.23 1.51
C ALA A 217 -0.13 -21.52 1.64
N VAL A 218 0.53 -21.30 0.50
CA VAL A 218 1.83 -20.63 0.45
C VAL A 218 1.59 -19.15 0.16
N LEU A 219 2.04 -18.29 1.07
CA LEU A 219 1.90 -16.85 0.93
C LEU A 219 3.29 -16.22 0.82
N THR A 220 3.48 -15.37 -0.19
CA THR A 220 4.76 -14.71 -0.38
C THR A 220 4.77 -13.34 0.30
N HIS A 221 5.95 -12.72 0.37
CA HIS A 221 6.04 -11.39 0.95
C HIS A 221 5.23 -10.37 0.13
N ALA A 222 5.23 -10.52 -1.20
CA ALA A 222 4.39 -9.66 -2.02
C ALA A 222 2.92 -9.83 -1.65
N ASN A 223 2.49 -11.08 -1.44
CA ASN A 223 1.15 -11.36 -0.97
C ASN A 223 0.85 -10.56 0.30
N LEU A 224 1.73 -10.67 1.30
CA LEU A 224 1.52 -10.00 2.58
C LEU A 224 1.53 -8.48 2.41
N THR A 225 2.46 -7.94 1.62
CA THR A 225 2.48 -6.51 1.34
C THR A 225 1.14 -6.04 0.81
N GLY A 226 0.62 -6.72 -0.20
CA GLY A 226 -0.66 -6.34 -0.77
C GLY A 226 -1.79 -6.39 0.25
N GLN A 227 -1.76 -7.40 1.13
CA GLN A 227 -2.80 -7.48 2.16
C GLN A 227 -2.67 -6.34 3.16
N ALA A 228 -1.44 -5.88 3.41
CA ALA A 228 -1.26 -4.71 4.28
C ALA A 228 -1.87 -3.47 3.66
N MET A 229 -1.81 -3.35 2.33
CA MET A 229 -2.37 -2.19 1.64
C MET A 229 -3.88 -2.11 1.81
N THR A 230 -4.55 -3.27 1.84
CA THR A 230 -6.01 -3.25 2.04
C THR A 230 -6.38 -2.68 3.40
N ALA A 231 -5.56 -2.94 4.42
CA ALA A 231 -5.82 -2.35 5.72
C ALA A 231 -5.67 -0.84 5.69
N LEU A 232 -4.73 -0.33 4.88
CA LEU A 232 -4.45 1.09 4.86
C LEU A 232 -5.60 1.89 4.26
N TYR A 233 -6.19 1.40 3.17
CA TYR A 233 -7.19 2.19 2.49
C TYR A 233 -8.60 1.90 2.96
N THR A 234 -8.78 1.02 3.93
CA THR A 234 -10.05 0.82 4.60
C THR A 234 -10.05 1.39 6.02
N SER A 235 -9.10 0.95 6.86
CA SER A 235 -9.03 1.43 8.24
C SER A 235 -8.39 2.79 8.36
N GLY A 236 -7.51 3.16 7.43
CA GLY A 236 -6.69 4.33 7.62
C GLY A 236 -5.53 4.04 8.56
N ALA A 237 -4.78 5.09 8.87
CA ALA A 237 -3.59 4.97 9.71
C ALA A 237 -3.07 6.33 10.13
N ASN A 238 -2.81 6.52 11.42
CA ASN A 238 -2.08 7.67 11.93
C ASN A 238 -0.69 7.18 12.34
N ILE A 239 0.33 7.52 11.54
CA ILE A 239 1.67 7.00 11.78
C ILE A 239 2.36 7.63 12.98
N ASN A 240 1.65 8.43 13.78
CA ASN A 240 2.22 8.96 15.01
C ASN A 240 1.61 8.31 16.25
N SER A 241 0.29 8.22 16.32
CA SER A 241 -0.41 7.91 17.55
C SER A 241 -1.07 6.53 17.57
N ASP A 242 -1.06 5.80 16.46
CA ASP A 242 -1.80 4.54 16.41
C ASP A 242 -1.13 3.46 17.25
N VAL A 243 -1.96 2.62 17.87
CA VAL A 243 -1.52 1.45 18.64
C VAL A 243 -2.43 0.30 18.26
N GLY A 244 -1.86 -0.73 17.61
CA GLY A 244 -2.65 -1.86 17.17
C GLY A 244 -2.81 -2.92 18.24
N PHE A 245 -3.61 -3.94 17.90
CA PHE A 245 -4.03 -4.94 18.89
C PHE A 245 -4.37 -6.23 18.17
N VAL A 246 -3.80 -7.34 18.64
CA VAL A 246 -4.13 -8.67 18.13
C VAL A 246 -4.54 -9.55 19.31
N GLY A 247 -5.77 -10.08 19.25
CA GLY A 247 -6.30 -10.88 20.34
C GLY A 247 -6.80 -12.25 19.92
N VAL A 248 -7.12 -12.39 18.63
CA VAL A 248 -7.36 -13.70 18.03
C VAL A 248 -6.04 -14.48 18.08
N PRO A 249 -6.05 -15.79 17.90
CA PRO A 249 -4.78 -16.54 17.90
C PRO A 249 -3.85 -16.08 16.78
N LEU A 250 -2.60 -15.81 17.16
CA LEU A 250 -1.61 -15.34 16.18
C LEU A 250 -1.35 -16.35 15.06
N PHE A 251 -1.57 -17.65 15.31
CA PHE A 251 -1.34 -18.63 14.26
C PHE A 251 -2.36 -18.53 13.14
N HIS A 252 -3.53 -17.97 13.42
CA HIS A 252 -4.58 -17.81 12.42
C HIS A 252 -4.26 -16.63 11.52
N ILE A 253 -4.70 -16.72 10.27
CA ILE A 253 -4.39 -15.65 9.31
C ILE A 253 -4.93 -14.33 9.82
N ALA A 254 -6.09 -14.34 10.49
CA ALA A 254 -6.61 -13.10 11.07
C ALA A 254 -5.68 -12.55 12.15
N GLY A 255 -4.87 -13.42 12.77
CA GLY A 255 -3.93 -12.97 13.77
C GLY A 255 -2.66 -12.42 13.16
N ILE A 256 -2.01 -13.27 12.35
CA ILE A 256 -0.79 -12.86 11.65
C ILE A 256 -1.08 -11.66 10.76
N GLY A 257 -2.31 -11.54 10.25
CA GLY A 257 -2.67 -10.37 9.46
C GLY A 257 -2.72 -9.09 10.25
N ASN A 258 -3.10 -9.17 11.53
CA ASN A 258 -3.18 -7.98 12.37
C ASN A 258 -1.80 -7.42 12.72
N MET A 259 -0.73 -8.14 12.41
CA MET A 259 0.62 -7.65 12.62
C MET A 259 1.13 -6.80 11.46
N LEU A 260 0.51 -6.91 10.29
CA LEU A 260 1.07 -6.33 9.07
C LEU A 260 1.23 -4.82 9.21
N THR A 261 0.18 -4.14 9.68
CA THR A 261 0.21 -2.69 9.78
C THR A 261 1.29 -2.21 10.74
N GLY A 262 1.42 -2.85 11.90
CA GLY A 262 2.40 -2.41 12.86
C GLY A 262 3.83 -2.57 12.37
N LEU A 263 4.12 -3.71 11.73
CA LEU A 263 5.48 -3.93 11.22
C LEU A 263 5.77 -3.04 10.03
N LEU A 264 4.78 -2.80 9.17
CA LEU A 264 5.00 -1.93 8.01
C LEU A 264 5.22 -0.49 8.44
N LEU A 265 4.32 0.06 9.25
CA LEU A 265 4.35 1.47 9.61
C LEU A 265 5.19 1.76 10.83
N GLY A 266 5.81 0.75 11.43
CA GLY A 266 6.63 0.97 12.61
C GLY A 266 5.88 1.44 13.83
N LEU A 267 4.64 0.99 14.00
CA LEU A 267 3.77 1.34 15.11
C LEU A 267 3.67 0.19 16.11
N PRO A 268 3.42 0.46 17.38
CA PRO A 268 3.34 -0.63 18.36
C PRO A 268 2.12 -1.49 18.14
N THR A 269 2.24 -2.76 18.51
CA THR A 269 1.13 -3.70 18.50
C THR A 269 1.02 -4.31 19.89
N VAL A 270 -0.16 -4.22 20.49
CA VAL A 270 -0.43 -4.92 21.75
C VAL A 270 -0.78 -6.37 21.42
N ILE A 271 -0.06 -7.30 22.03
CA ILE A 271 -0.36 -8.73 21.89
C ILE A 271 -1.16 -9.17 23.11
N TYR A 272 -2.37 -9.67 22.87
CA TYR A 272 -3.24 -9.97 24.00
C TYR A 272 -3.22 -11.46 24.30
N PRO A 273 -2.90 -11.84 25.54
CA PRO A 273 -2.80 -13.27 25.87
C PRO A 273 -4.14 -13.97 25.71
N LEU A 274 -4.09 -15.20 25.20
CA LEU A 274 -5.29 -16.01 25.08
C LEU A 274 -5.80 -16.43 26.46
N GLY A 275 -7.11 -16.51 26.61
CA GLY A 275 -7.68 -16.92 27.87
C GLY A 275 -9.15 -16.54 27.95
N ALA A 276 -9.69 -16.66 29.16
CA ALA A 276 -11.11 -16.39 29.38
C ALA A 276 -11.45 -14.94 29.08
N PHE A 277 -12.54 -14.73 28.35
CA PHE A 277 -12.96 -13.39 27.96
C PHE A 277 -13.45 -12.60 29.17
N ASP A 278 -13.06 -11.32 29.22
CA ASP A 278 -13.43 -10.43 30.32
C ASP A 278 -13.56 -9.02 29.77
N PRO A 279 -14.78 -8.53 29.54
CA PRO A 279 -14.93 -7.22 28.90
C PRO A 279 -14.33 -6.07 29.70
N GLY A 280 -14.48 -6.10 31.03
CA GLY A 280 -13.91 -5.04 31.84
C GLY A 280 -12.39 -5.06 31.85
N GLN A 281 -11.80 -6.25 31.91
CA GLN A 281 -10.35 -6.37 31.85
C GLN A 281 -9.82 -5.92 30.49
N LEU A 282 -10.47 -6.36 29.40
CA LEU A 282 -10.07 -5.89 28.07
C LEU A 282 -10.17 -4.39 27.96
N LEU A 283 -11.27 -3.81 28.44
CA LEU A 283 -11.45 -2.36 28.38
C LEU A 283 -10.36 -1.64 29.15
N ASP A 284 -9.96 -2.19 30.30
CA ASP A 284 -8.86 -1.60 31.08
C ASP A 284 -7.54 -1.64 30.31
N VAL A 285 -7.31 -2.69 29.50
CA VAL A 285 -6.07 -2.74 28.72
C VAL A 285 -6.13 -1.80 27.54
N LEU A 286 -7.27 -1.76 26.83
CA LEU A 286 -7.41 -0.83 25.72
C LEU A 286 -7.23 0.61 26.16
N GLU A 287 -7.59 0.92 27.41
CA GLU A 287 -7.41 2.26 27.95
C GLU A 287 -5.96 2.55 28.30
N ALA A 288 -5.30 1.60 28.97
CA ALA A 288 -3.93 1.80 29.42
C ALA A 288 -2.96 1.86 28.24
N GLU A 289 -3.22 1.07 27.20
CA GLU A 289 -2.34 0.99 26.04
C GLU A 289 -2.69 2.00 24.95
N LYS A 290 -3.75 2.78 25.14
CA LYS A 290 -4.21 3.76 24.14
C LYS A 290 -4.41 3.10 22.78
N VAL A 291 -4.97 1.89 22.79
CA VAL A 291 -5.24 1.16 21.55
C VAL A 291 -6.17 1.97 20.67
N THR A 292 -5.84 2.05 19.38
CA THR A 292 -6.62 2.82 18.42
C THR A 292 -7.50 1.97 17.51
N GLY A 293 -7.25 0.66 17.42
CA GLY A 293 -8.05 -0.20 16.58
C GLY A 293 -8.10 -1.61 17.12
N ILE A 294 -9.28 -2.22 17.12
CA ILE A 294 -9.45 -3.57 17.65
C ILE A 294 -10.50 -4.30 16.81
N PHE A 295 -10.28 -5.60 16.59
CA PHE A 295 -11.29 -6.50 16.03
C PHE A 295 -11.95 -7.28 17.16
N LEU A 296 -13.26 -7.47 17.05
CA LEU A 296 -13.98 -8.33 17.99
C LEU A 296 -15.18 -8.93 17.28
N VAL A 297 -15.57 -10.11 17.75
CA VAL A 297 -16.75 -10.83 17.26
C VAL A 297 -17.99 -10.15 17.85
N PRO A 298 -19.12 -10.13 17.12
CA PRO A 298 -20.30 -9.39 17.62
C PRO A 298 -20.71 -9.74 19.04
N ALA A 299 -20.57 -10.99 19.46
CA ALA A 299 -20.90 -11.34 20.85
C ALA A 299 -20.00 -10.61 21.83
N GLN A 300 -18.71 -10.49 21.49
CA GLN A 300 -17.80 -9.74 22.35
C GLN A 300 -18.11 -8.26 22.34
N TRP A 301 -18.46 -7.70 21.17
CA TRP A 301 -18.84 -6.29 21.10
C TRP A 301 -20.03 -6.00 21.99
N GLN A 302 -20.98 -6.94 22.05
CA GLN A 302 -22.13 -6.78 22.93
C GLN A 302 -21.68 -6.62 24.38
N ALA A 303 -20.78 -7.50 24.82
CA ALA A 303 -20.30 -7.44 26.21
C ALA A 303 -19.44 -6.20 26.45
N VAL A 304 -18.64 -5.82 25.45
CA VAL A 304 -17.80 -4.64 25.59
C VAL A 304 -18.66 -3.37 25.65
N CYS A 305 -19.70 -3.30 24.84
CA CYS A 305 -20.56 -2.11 24.85
C CYS A 305 -21.31 -1.97 26.17
N THR A 306 -21.83 -3.08 26.70
CA THR A 306 -22.55 -3.00 27.96
C THR A 306 -21.63 -2.57 29.09
N GLU A 307 -20.39 -3.08 29.10
CA GLU A 307 -19.44 -2.69 30.13
C GLU A 307 -19.02 -1.24 29.97
N GLN A 308 -18.68 -0.84 28.73
CA GLN A 308 -18.22 0.53 28.49
C GLN A 308 -19.33 1.55 28.75
N GLN A 309 -20.58 1.20 28.48
CA GLN A 309 -21.66 2.13 28.81
C GLN A 309 -21.88 2.19 30.32
N ALA A 310 -21.71 1.07 31.02
CA ALA A 310 -21.91 1.04 32.47
C ALA A 310 -20.78 1.77 33.19
N ARG A 311 -19.54 1.46 32.82
CA ARG A 311 -18.34 2.00 33.47
C ARG A 311 -17.39 2.46 32.38
N PRO A 312 -17.57 3.68 31.86
CA PRO A 312 -16.80 4.11 30.68
C PRO A 312 -15.31 4.26 30.99
N ARG A 313 -14.49 3.74 30.08
CA ARG A 313 -13.05 3.92 30.14
C ARG A 313 -12.63 5.08 29.22
N ASP A 314 -11.42 5.58 29.44
CA ASP A 314 -10.86 6.67 28.63
C ASP A 314 -10.12 6.04 27.46
N LEU A 315 -10.87 5.74 26.40
CA LEU A 315 -10.34 5.01 25.28
C LEU A 315 -9.86 5.96 24.18
N ARG A 316 -9.01 5.43 23.31
CA ARG A 316 -8.53 6.15 22.15
C ARG A 316 -8.84 5.39 20.86
N LEU A 317 -9.93 4.62 20.87
CA LEU A 317 -10.29 3.82 19.71
C LEU A 317 -10.75 4.72 18.57
N ARG A 318 -10.24 4.42 17.37
CA ARG A 318 -10.53 5.14 16.15
C ARG A 318 -11.30 4.31 15.13
N VAL A 319 -11.05 2.99 15.10
CA VAL A 319 -11.70 2.09 14.16
C VAL A 319 -12.18 0.86 14.94
N LEU A 320 -13.38 0.40 14.65
CA LEU A 320 -13.95 -0.81 15.24
C LEU A 320 -14.21 -1.81 14.13
N SER A 321 -13.62 -3.00 14.24
CA SER A 321 -13.80 -4.05 13.24
C SER A 321 -14.58 -5.21 13.85
N TRP A 322 -15.55 -5.72 13.09
CA TRP A 322 -16.30 -6.90 13.49
C TRP A 322 -16.37 -7.86 12.31
N GLY A 323 -16.85 -9.07 12.59
CA GLY A 323 -16.98 -10.08 11.57
C GLY A 323 -16.95 -11.45 12.22
N ALA A 324 -16.90 -12.47 11.35
CA ALA A 324 -16.88 -13.88 11.72
C ALA A 324 -18.18 -14.34 12.38
N ALA A 325 -19.23 -13.52 12.32
CA ALA A 325 -20.55 -13.81 12.87
C ALA A 325 -21.49 -12.68 12.48
N PRO A 326 -22.80 -12.92 12.42
CA PRO A 326 -23.74 -11.84 12.08
C PRO A 326 -23.93 -10.86 13.24
N ALA A 327 -24.12 -9.60 12.88
CA ALA A 327 -24.33 -8.52 13.85
C ALA A 327 -25.72 -7.94 13.70
N PRO A 328 -26.58 -8.03 14.71
CA PRO A 328 -27.93 -7.47 14.58
C PRO A 328 -27.90 -5.96 14.43
N ASP A 329 -28.99 -5.44 13.88
CA ASP A 329 -29.13 -4.00 13.71
C ASP A 329 -28.94 -3.26 15.03
N ALA A 330 -29.42 -3.84 16.12
CA ALA A 330 -29.34 -3.18 17.42
C ALA A 330 -27.90 -3.03 17.89
N LEU A 331 -27.11 -4.09 17.76
CA LEU A 331 -25.72 -4.05 18.21
C LEU A 331 -24.92 -2.97 17.49
N LEU A 332 -25.10 -2.87 16.17
CA LEU A 332 -24.35 -1.86 15.41
C LEU A 332 -24.70 -0.45 15.86
N ARG A 333 -25.99 -0.21 16.18
CA ARG A 333 -26.38 1.09 16.70
C ARG A 333 -25.77 1.31 18.08
N GLN A 334 -25.73 0.26 18.90
CA GLN A 334 -25.13 0.37 20.23
C GLN A 334 -23.65 0.68 20.13
N MET A 335 -22.93 -0.02 19.25
CA MET A 335 -21.51 0.27 19.04
C MET A 335 -21.30 1.71 18.60
N SER A 336 -22.17 2.22 17.74
CA SER A 336 -22.03 3.60 17.29
C SER A 336 -22.28 4.58 18.44
N ALA A 337 -23.28 4.30 19.27
CA ALA A 337 -23.56 5.16 20.41
C ALA A 337 -22.50 5.02 21.49
N THR A 338 -22.04 3.79 21.74
CA THR A 338 -21.04 3.58 22.79
C THR A 338 -19.70 4.19 22.40
N PHE A 339 -19.35 4.13 21.12
CA PHE A 339 -18.10 4.68 20.61
C PHE A 339 -18.41 5.63 19.47
N PRO A 340 -18.81 6.86 19.78
CA PRO A 340 -18.87 7.89 18.73
C PRO A 340 -17.46 8.28 18.32
N GLU A 341 -17.38 9.01 17.21
CA GLU A 341 -16.12 9.44 16.62
C GLU A 341 -15.25 8.28 16.16
N THR A 342 -15.83 7.09 16.02
CA THR A 342 -15.12 5.91 15.52
C THR A 342 -15.76 5.42 14.23
N GLN A 343 -14.95 4.77 13.41
CA GLN A 343 -15.40 4.13 12.19
C GLN A 343 -15.60 2.64 12.44
N ILE A 344 -16.67 2.07 11.87
CA ILE A 344 -17.00 0.66 12.07
C ILE A 344 -16.86 -0.05 10.74
N LEU A 345 -16.04 -1.11 10.74
CA LEU A 345 -15.69 -1.84 9.53
C LEU A 345 -15.94 -3.33 9.72
N ALA A 346 -16.31 -4.00 8.64
CA ALA A 346 -16.49 -5.45 8.64
C ALA A 346 -15.92 -6.03 7.37
N ALA A 347 -14.79 -6.72 7.47
CA ALA A 347 -14.19 -7.38 6.32
C ALA A 347 -14.77 -8.78 6.13
N PHE A 348 -14.63 -9.27 4.90
CA PHE A 348 -15.03 -10.63 4.54
C PHE A 348 -14.09 -11.16 3.48
N GLY A 349 -13.92 -12.48 3.46
CA GLY A 349 -13.24 -13.21 2.40
C GLY A 349 -11.91 -13.82 2.81
N GLN A 350 -11.25 -13.23 3.80
CA GLN A 350 -9.90 -13.65 4.18
C GLN A 350 -9.91 -15.07 4.72
N THR A 351 -9.13 -15.94 4.07
CA THR A 351 -8.90 -17.31 4.53
C THR A 351 -7.41 -17.59 4.45
N GLU A 352 -7.00 -18.84 4.70
CA GLU A 352 -5.59 -19.20 4.55
C GLU A 352 -5.11 -18.95 3.12
N MET A 353 -5.98 -19.15 2.13
CA MET A 353 -5.67 -19.00 0.72
C MET A 353 -6.04 -17.66 0.13
N SER A 354 -7.05 -17.01 0.69
CA SER A 354 -7.57 -15.78 0.13
C SER A 354 -7.24 -14.60 1.03
N PRO A 355 -7.07 -13.41 0.45
CA PRO A 355 -7.02 -12.19 1.25
C PRO A 355 -8.44 -11.74 1.58
N VAL A 356 -8.54 -10.63 2.31
CA VAL A 356 -9.81 -9.91 2.38
C VAL A 356 -10.23 -9.55 0.97
N THR A 357 -11.49 -9.84 0.63
CA THR A 357 -12.00 -9.53 -0.70
C THR A 357 -13.14 -8.52 -0.69
N CYS A 358 -13.89 -8.40 0.40
CA CYS A 358 -15.02 -7.49 0.50
C CYS A 358 -14.92 -6.67 1.78
N MET A 359 -15.37 -5.43 1.70
CA MET A 359 -15.41 -4.54 2.86
C MET A 359 -16.79 -3.92 2.99
N LEU A 360 -17.33 -3.95 4.20
CA LEU A 360 -18.58 -3.29 4.52
C LEU A 360 -18.24 -2.12 5.43
N LEU A 361 -18.37 -0.90 4.89
CA LEU A 361 -18.14 0.30 5.67
C LEU A 361 -19.35 0.60 6.54
N GLY A 362 -19.14 1.39 7.59
CA GLY A 362 -20.19 1.61 8.56
C GLY A 362 -21.41 2.30 7.99
N GLU A 363 -21.21 3.16 6.99
CA GLU A 363 -22.31 3.88 6.36
C GLU A 363 -23.23 2.97 5.55
N ASP A 364 -22.85 1.70 5.35
CA ASP A 364 -23.64 0.75 4.60
C ASP A 364 -24.15 -0.41 5.44
N ALA A 365 -23.72 -0.52 6.70
CA ALA A 365 -24.08 -1.70 7.51
C ALA A 365 -25.57 -1.77 7.78
N ILE A 366 -26.26 -0.64 7.76
CA ILE A 366 -27.71 -0.60 7.96
C ILE A 366 -28.44 -0.45 6.63
N ALA A 367 -27.87 0.32 5.69
CA ALA A 367 -28.47 0.44 4.37
C ALA A 367 -28.52 -0.90 3.67
N LYS A 368 -27.43 -1.66 3.74
CA LYS A 368 -27.34 -2.97 3.10
C LYS A 368 -27.18 -4.06 4.15
N ARG A 369 -28.15 -4.19 5.05
CA ARG A 369 -28.05 -5.15 6.14
C ARG A 369 -27.93 -6.57 5.61
N GLY A 370 -27.06 -7.36 6.25
CA GLY A 370 -26.82 -8.74 5.87
C GLY A 370 -25.76 -8.92 4.81
N SER A 371 -25.33 -7.85 4.16
CA SER A 371 -24.32 -7.90 3.13
C SER A 371 -22.94 -8.02 3.77
N VAL A 372 -21.99 -8.52 2.97
CA VAL A 372 -20.59 -8.51 3.35
C VAL A 372 -19.84 -7.35 2.72
N GLY A 373 -20.54 -6.50 1.98
CA GLY A 373 -19.97 -5.28 1.43
C GLY A 373 -19.77 -5.37 -0.07
N ARG A 374 -18.91 -4.50 -0.57
CA ARG A 374 -18.53 -4.48 -1.98
C ARG A 374 -17.12 -5.05 -2.12
N VAL A 375 -16.83 -5.63 -3.30
CA VAL A 375 -15.48 -6.13 -3.54
C VAL A 375 -14.52 -4.96 -3.51
N ILE A 376 -13.35 -5.18 -2.90
CA ILE A 376 -12.38 -4.11 -2.68
C ILE A 376 -11.69 -3.75 -3.99
N PRO A 377 -11.15 -2.52 -4.13
CA PRO A 377 -10.62 -2.09 -5.43
C PRO A 377 -9.44 -2.89 -5.94
N THR A 378 -8.71 -3.59 -5.08
CA THR A 378 -7.53 -4.33 -5.52
C THR A 378 -7.83 -5.81 -5.76
N VAL A 379 -9.10 -6.16 -5.97
CA VAL A 379 -9.55 -7.53 -6.18
C VAL A 379 -10.58 -7.54 -7.30
N ALA A 380 -10.43 -8.48 -8.24
CA ALA A 380 -11.43 -8.74 -9.27
C ALA A 380 -12.22 -9.99 -8.91
N ALA A 381 -13.54 -9.95 -9.16
CA ALA A 381 -14.40 -11.07 -8.78
C ALA A 381 -15.50 -11.29 -9.81
N ARG A 382 -15.85 -12.57 -9.97
CA ARG A 382 -16.97 -12.99 -10.81
C ARG A 382 -17.86 -13.94 -10.03
N VAL A 383 -19.14 -13.98 -10.40
CA VAL A 383 -20.11 -14.90 -9.81
C VAL A 383 -20.51 -15.87 -10.90
N VAL A 384 -20.05 -17.13 -10.79
CA VAL A 384 -20.09 -18.07 -11.90
C VAL A 384 -20.91 -19.29 -11.52
N ASP A 385 -21.37 -20.01 -12.56
CA ASP A 385 -21.97 -21.33 -12.39
C ASP A 385 -20.90 -22.39 -12.63
N GLN A 386 -21.32 -23.66 -12.65
CA GLN A 386 -20.37 -24.77 -12.71
C GLN A 386 -19.58 -24.83 -14.02
N ASN A 387 -19.91 -23.99 -15.00
CA ASN A 387 -19.19 -23.98 -16.28
C ASN A 387 -18.34 -22.73 -16.44
N MET A 388 -17.95 -22.09 -15.33
CA MET A 388 -17.17 -20.86 -15.32
C MET A 388 -17.85 -19.73 -16.08
N ASN A 389 -19.16 -19.78 -16.23
CA ASN A 389 -19.91 -18.75 -16.91
C ASN A 389 -20.59 -17.83 -15.90
N ASP A 390 -20.51 -16.53 -16.16
CA ASP A 390 -21.17 -15.54 -15.30
C ASP A 390 -22.67 -15.80 -15.25
N VAL A 391 -23.22 -15.85 -14.03
CA VAL A 391 -24.66 -15.95 -13.85
C VAL A 391 -25.25 -14.57 -14.12
N PRO A 392 -26.55 -14.46 -14.41
CA PRO A 392 -27.16 -13.14 -14.57
C PRO A 392 -27.03 -12.34 -13.29
N VAL A 393 -26.79 -11.03 -13.45
CA VAL A 393 -26.53 -10.20 -12.28
C VAL A 393 -27.69 -10.28 -11.31
N GLY A 394 -27.38 -10.39 -10.03
CA GLY A 394 -28.37 -10.59 -9.00
C GLY A 394 -28.72 -12.03 -8.71
N GLU A 395 -28.24 -12.97 -9.53
CA GLU A 395 -28.51 -14.38 -9.31
C GLU A 395 -27.36 -15.03 -8.57
N VAL A 396 -27.64 -16.19 -7.98
CA VAL A 396 -26.69 -16.84 -7.09
C VAL A 396 -25.69 -17.66 -7.90
N GLY A 397 -24.42 -17.54 -7.54
CA GLY A 397 -23.40 -18.42 -8.07
C GLY A 397 -22.25 -18.47 -7.10
N GLU A 398 -21.15 -19.09 -7.53
CA GLU A 398 -19.94 -19.12 -6.73
C GLU A 398 -19.07 -17.92 -7.06
N ILE A 399 -18.63 -17.20 -6.03
CA ILE A 399 -17.76 -16.06 -6.23
C ILE A 399 -16.33 -16.55 -6.42
N VAL A 400 -15.68 -16.06 -7.47
CA VAL A 400 -14.33 -16.47 -7.84
C VAL A 400 -13.49 -15.21 -7.99
N TYR A 401 -12.20 -15.33 -7.71
CA TYR A 401 -11.35 -14.18 -7.47
C TYR A 401 -10.13 -14.16 -8.39
N ARG A 402 -9.72 -12.96 -8.78
CA ARG A 402 -8.42 -12.70 -9.38
C ARG A 402 -7.81 -11.53 -8.63
N ALA A 403 -6.58 -11.71 -8.14
CA ALA A 403 -5.93 -10.66 -7.36
C ALA A 403 -4.47 -11.01 -7.12
N PRO A 404 -3.58 -10.01 -7.08
CA PRO A 404 -2.18 -10.31 -6.73
C PRO A 404 -2.01 -10.89 -5.33
N THR A 405 -2.94 -10.58 -4.41
CA THR A 405 -2.85 -11.05 -3.04
C THR A 405 -3.46 -12.43 -2.83
N LEU A 406 -3.71 -13.18 -3.89
CA LEU A 406 -4.11 -14.57 -3.72
C LEU A 406 -2.90 -15.44 -3.42
N MET A 407 -3.16 -16.58 -2.79
CA MET A 407 -2.08 -17.50 -2.45
C MET A 407 -1.40 -18.00 -3.72
N SER A 408 -0.11 -18.34 -3.59
CA SER A 408 0.63 -18.85 -4.74
C SER A 408 0.16 -20.25 -5.13
N CYS A 409 0.04 -21.13 -4.15
CA CYS A 409 -0.26 -22.53 -4.40
C CYS A 409 -0.46 -23.22 -3.06
N TYR A 410 -1.21 -24.31 -3.09
CA TYR A 410 -1.15 -25.25 -1.97
C TYR A 410 0.21 -25.94 -2.00
N TRP A 411 0.89 -25.94 -0.85
CA TRP A 411 2.26 -26.42 -0.79
C TRP A 411 2.34 -27.88 -1.24
N ASN A 412 3.07 -28.11 -2.33
CA ASN A 412 3.33 -29.45 -2.86
C ASN A 412 2.02 -30.19 -3.11
N ASN A 413 1.10 -29.53 -3.82
CA ASN A 413 -0.16 -30.12 -4.19
C ASN A 413 -0.71 -29.44 -5.43
N PRO A 414 -0.12 -29.68 -6.61
CA PRO A 414 -0.63 -29.03 -7.83
C PRO A 414 -2.03 -29.50 -8.21
N GLU A 415 -2.42 -30.70 -7.79
CA GLU A 415 -3.78 -31.15 -8.05
C GLU A 415 -4.79 -30.23 -7.37
N ALA A 416 -4.60 -29.99 -6.07
CA ALA A 416 -5.48 -29.08 -5.35
C ALA A 416 -5.35 -27.64 -5.84
N THR A 417 -4.13 -27.24 -6.24
CA THR A 417 -3.93 -25.89 -6.75
C THR A 417 -4.68 -25.68 -8.06
N ALA A 418 -4.64 -26.67 -8.95
CA ALA A 418 -5.34 -26.54 -10.21
C ALA A 418 -6.85 -26.52 -10.01
N GLU A 419 -7.38 -27.40 -9.15
CA GLU A 419 -8.80 -27.36 -8.85
C GLU A 419 -9.20 -26.02 -8.24
N ALA A 420 -8.34 -25.46 -7.38
CA ALA A 420 -8.65 -24.17 -6.75
C ALA A 420 -8.61 -23.02 -7.74
N PHE A 421 -7.83 -23.16 -8.82
CA PHE A 421 -7.72 -22.11 -9.83
C PHE A 421 -8.34 -22.52 -11.16
N ALA A 422 -9.26 -23.48 -11.14
CA ALA A 422 -9.90 -23.96 -12.36
C ALA A 422 -10.54 -22.81 -13.13
N GLY A 423 -10.22 -22.71 -14.42
CA GLY A 423 -10.77 -21.69 -15.27
C GLY A 423 -10.05 -20.36 -15.25
N GLY A 424 -8.96 -20.24 -14.49
CA GLY A 424 -8.20 -19.02 -14.40
C GLY A 424 -8.56 -18.12 -13.24
N TRP A 425 -9.44 -18.56 -12.36
CA TRP A 425 -9.89 -17.77 -11.22
C TRP A 425 -9.87 -18.64 -9.97
N PHE A 426 -9.67 -18.02 -8.81
CA PHE A 426 -9.62 -18.76 -7.56
C PHE A 426 -11.04 -19.02 -7.06
N HIS A 427 -11.30 -20.27 -6.67
CA HIS A 427 -12.65 -20.70 -6.27
C HIS A 427 -12.77 -20.63 -4.75
N SER A 428 -13.50 -19.63 -4.27
CA SER A 428 -13.67 -19.45 -2.82
C SER A 428 -14.51 -20.55 -2.20
N GLY A 429 -15.45 -21.11 -2.95
CA GLY A 429 -16.41 -22.04 -2.39
C GLY A 429 -17.60 -21.41 -1.72
N ASP A 430 -17.73 -20.08 -1.79
CA ASP A 430 -18.87 -19.37 -1.22
C ASP A 430 -19.85 -19.03 -2.33
N LEU A 431 -21.11 -19.40 -2.13
CA LEU A 431 -22.19 -19.00 -3.03
C LEU A 431 -22.69 -17.62 -2.62
N VAL A 432 -22.80 -16.70 -3.60
CA VAL A 432 -23.17 -15.32 -3.35
C VAL A 432 -24.13 -14.85 -4.43
N ARG A 433 -24.73 -13.69 -4.20
CA ARG A 433 -25.37 -12.90 -5.24
C ARG A 433 -24.84 -11.48 -5.12
N MET A 434 -25.01 -10.71 -6.19
CA MET A 434 -24.48 -9.34 -6.24
C MET A 434 -25.56 -8.44 -6.81
N ASP A 435 -25.93 -7.39 -6.06
CA ASP A 435 -27.03 -6.54 -6.50
C ASP A 435 -26.54 -5.50 -7.49
N SER A 436 -27.45 -4.63 -7.93
CA SER A 436 -27.13 -3.64 -8.95
C SER A 436 -26.15 -2.59 -8.45
N ASP A 437 -25.98 -2.46 -7.14
CA ASP A 437 -25.05 -1.50 -6.55
C ASP A 437 -23.69 -2.11 -6.22
N GLY A 438 -23.50 -3.41 -6.45
CA GLY A 438 -22.22 -4.05 -6.22
C GLY A 438 -22.09 -4.80 -4.91
N TYR A 439 -23.10 -4.77 -4.05
CA TYR A 439 -23.01 -5.37 -2.72
C TYR A 439 -23.22 -6.88 -2.78
N VAL A 440 -22.42 -7.60 -2.00
CA VAL A 440 -22.33 -9.06 -2.06
C VAL A 440 -23.08 -9.65 -0.87
N TRP A 441 -24.02 -10.55 -1.14
CA TRP A 441 -24.73 -11.29 -0.10
C TRP A 441 -24.31 -12.75 -0.20
N VAL A 442 -23.80 -13.30 0.90
CA VAL A 442 -23.38 -14.70 0.97
C VAL A 442 -24.56 -15.54 1.46
N VAL A 443 -24.83 -16.66 0.79
CA VAL A 443 -25.94 -17.53 1.15
C VAL A 443 -25.40 -18.76 1.87
N ASP A 444 -26.05 -19.12 2.97
CA ASP A 444 -25.58 -20.20 3.85
C ASP A 444 -26.81 -20.77 4.58
N ARG A 445 -26.54 -21.66 5.52
CA ARG A 445 -27.59 -22.23 6.38
C ARG A 445 -27.10 -22.12 7.81
N LYS A 446 -27.90 -21.46 8.66
CA LYS A 446 -27.48 -21.20 10.03
C LYS A 446 -27.26 -22.51 10.79
N LYS A 447 -26.16 -22.55 11.55
CA LYS A 447 -25.83 -23.73 12.34
C LYS A 447 -26.60 -23.72 13.66
N ASP A 448 -27.40 -24.76 13.88
CA ASP A 448 -28.18 -24.87 15.11
C ASP A 448 -27.31 -25.45 16.22
N MET A 449 -27.32 -24.79 17.38
CA MET A 449 -26.43 -25.17 18.48
C MET A 449 -26.93 -26.39 19.23
N ILE A 450 -28.25 -26.50 19.45
CA ILE A 450 -28.81 -27.63 20.18
C ILE A 450 -28.60 -28.94 19.43
N ILE A 451 -28.37 -28.89 18.11
CA ILE A 451 -28.14 -30.09 17.33
C ILE A 451 -26.74 -30.08 16.70
N TYR B 37 -5.75 -8.51 -13.50
CA TYR B 37 -4.75 -8.78 -12.48
C TYR B 37 -4.03 -10.10 -12.78
N LEU B 38 -4.10 -10.53 -14.03
CA LEU B 38 -3.48 -11.79 -14.46
C LEU B 38 -1.96 -11.70 -14.36
N ALA B 39 -1.34 -12.87 -14.18
CA ALA B 39 0.08 -13.07 -13.86
C ALA B 39 0.50 -12.44 -12.53
N ARG B 40 -0.47 -12.02 -11.70
CA ARG B 40 -0.19 -11.46 -10.37
C ARG B 40 0.58 -10.14 -10.46
N ARG B 41 0.27 -9.33 -11.47
CA ARG B 41 0.93 -8.05 -11.67
C ARG B 41 0.13 -6.94 -11.00
N GLN B 42 0.85 -5.99 -10.40
CA GLN B 42 0.24 -4.79 -9.83
C GLN B 42 0.79 -3.57 -10.56
N ASN B 43 -0.06 -2.92 -11.35
CA ASN B 43 0.26 -1.65 -12.00
C ASN B 43 -1.05 -0.98 -12.39
N TRP B 44 -0.98 0.31 -12.72
CA TRP B 44 -2.23 1.01 -12.97
C TRP B 44 -2.89 0.60 -14.28
N VAL B 45 -2.22 -0.16 -15.14
CA VAL B 45 -2.92 -0.71 -16.30
C VAL B 45 -3.88 -1.81 -15.87
N ASN B 46 -3.38 -2.76 -15.06
CA ASN B 46 -4.24 -3.81 -14.52
C ASN B 46 -5.37 -3.21 -13.67
N GLN B 47 -5.05 -2.19 -12.87
CA GLN B 47 -6.11 -1.53 -12.10
C GLN B 47 -7.19 -0.98 -13.01
N LEU B 48 -6.79 -0.32 -14.10
CA LEU B 48 -7.76 0.18 -15.08
C LEU B 48 -8.66 -0.93 -15.59
N GLU B 49 -8.08 -2.11 -15.86
CA GLU B 49 -8.90 -3.23 -16.34
C GLU B 49 -9.86 -3.72 -15.26
N ARG B 50 -9.36 -3.89 -14.03
CA ARG B 50 -10.22 -4.33 -12.94
C ARG B 50 -11.43 -3.41 -12.79
N HIS B 51 -11.21 -2.09 -12.88
CA HIS B 51 -12.31 -1.15 -12.67
C HIS B 51 -13.29 -1.15 -13.84
N ALA B 52 -12.78 -1.29 -15.07
CA ALA B 52 -13.68 -1.40 -16.22
C ALA B 52 -14.53 -2.66 -16.14
N MET B 53 -14.01 -3.72 -15.53
CA MET B 53 -14.83 -4.91 -15.32
C MET B 53 -15.79 -4.74 -14.16
N MET B 54 -15.28 -4.32 -12.99
CA MET B 54 -16.07 -4.35 -11.76
C MET B 54 -16.99 -3.16 -11.59
N GLN B 55 -16.76 -2.07 -12.30
CA GLN B 55 -17.58 -0.85 -12.15
C GLN B 55 -17.47 0.00 -13.41
N PRO B 56 -17.94 -0.54 -14.55
CA PRO B 56 -17.77 0.16 -15.83
C PRO B 56 -18.31 1.57 -15.83
N ASP B 57 -19.46 1.80 -15.20
CA ASP B 57 -20.14 3.07 -15.27
C ASP B 57 -19.74 4.02 -14.15
N ALA B 58 -18.85 3.61 -13.26
CA ALA B 58 -18.35 4.51 -12.24
C ALA B 58 -17.48 5.60 -12.89
N PRO B 59 -17.40 6.77 -12.28
CA PRO B 59 -16.56 7.84 -12.86
C PRO B 59 -15.09 7.56 -12.60
N ALA B 60 -14.28 7.69 -13.66
CA ALA B 60 -12.82 7.64 -13.57
C ALA B 60 -12.20 9.02 -13.58
N LEU B 61 -12.61 9.86 -14.52
CA LEU B 61 -12.02 11.18 -14.69
C LEU B 61 -13.12 12.22 -14.88
N ARG B 62 -12.92 13.38 -14.29
CA ARG B 62 -13.80 14.54 -14.49
C ARG B 62 -12.95 15.68 -15.04
N PHE B 63 -13.37 16.22 -16.17
CA PHE B 63 -12.62 17.28 -16.83
C PHE B 63 -13.61 18.26 -17.44
N VAL B 64 -13.47 19.53 -17.06
CA VAL B 64 -14.36 20.64 -17.42
C VAL B 64 -15.82 20.22 -17.48
N GLY B 65 -16.27 19.50 -16.46
CA GLY B 65 -17.68 19.19 -16.32
C GLY B 65 -18.14 17.91 -16.99
N ASN B 66 -17.31 17.29 -17.81
CA ASN B 66 -17.68 16.02 -18.41
C ASN B 66 -17.09 14.86 -17.62
N THR B 67 -17.75 13.72 -17.69
CA THR B 67 -17.38 12.54 -16.92
C THR B 67 -16.95 11.43 -17.87
N MET B 68 -15.79 10.84 -17.59
CA MET B 68 -15.32 9.67 -18.30
C MET B 68 -15.36 8.48 -17.35
N THR B 69 -16.12 7.45 -17.74
CA THR B 69 -16.24 6.27 -16.89
C THR B 69 -15.01 5.37 -17.07
N TRP B 70 -14.95 4.33 -16.23
CA TRP B 70 -13.87 3.34 -16.36
C TRP B 70 -13.98 2.59 -17.68
N ALA B 71 -15.19 2.21 -18.08
CA ALA B 71 -15.36 1.53 -19.36
C ALA B 71 -14.95 2.42 -20.52
N ASP B 72 -15.25 3.73 -20.42
CA ASP B 72 -14.85 4.67 -21.46
C ASP B 72 -13.33 4.85 -21.48
N LEU B 73 -12.72 5.01 -20.30
CA LEU B 73 -11.28 5.20 -20.24
C LEU B 73 -10.55 3.97 -20.75
N ARG B 74 -10.95 2.80 -20.27
CA ARG B 74 -10.37 1.55 -20.75
C ARG B 74 -10.52 1.43 -22.27
N ARG B 75 -11.69 1.80 -22.81
CA ARG B 75 -11.92 1.65 -24.24
C ARG B 75 -10.99 2.55 -25.05
N ARG B 76 -10.90 3.83 -24.67
CA ARG B 76 -10.01 4.74 -25.37
C ARG B 76 -8.56 4.35 -25.20
N VAL B 77 -8.15 4.02 -23.97
CA VAL B 77 -6.77 3.61 -23.71
C VAL B 77 -6.39 2.42 -24.59
N ALA B 78 -7.25 1.40 -24.61
CA ALA B 78 -6.95 0.21 -25.41
C ALA B 78 -6.90 0.52 -26.89
N ALA B 79 -7.69 1.50 -27.34
CA ALA B 79 -7.64 1.90 -28.75
C ALA B 79 -6.35 2.64 -29.07
N LEU B 80 -5.95 3.61 -28.22
CA LEU B 80 -4.69 4.30 -28.42
C LEU B 80 -3.52 3.33 -28.35
N ALA B 81 -3.58 2.36 -27.43
CA ALA B 81 -2.53 1.35 -27.35
C ALA B 81 -2.42 0.56 -28.65
N GLY B 82 -3.55 0.21 -29.24
CA GLY B 82 -3.52 -0.52 -30.50
C GLY B 82 -2.95 0.31 -31.63
N ALA B 83 -3.29 1.61 -31.66
CA ALA B 83 -2.74 2.49 -32.68
C ALA B 83 -1.24 2.63 -32.54
N LEU B 84 -0.74 2.75 -31.29
CA LEU B 84 0.69 2.82 -31.05
C LEU B 84 1.38 1.51 -31.41
N SER B 85 0.78 0.40 -30.99
CA SER B 85 1.38 -0.90 -31.29
C SER B 85 1.43 -1.15 -32.79
N GLY B 86 0.39 -0.70 -33.52
CA GLY B 86 0.39 -0.83 -34.96
C GLY B 86 1.43 0.00 -35.67
N ARG B 87 1.87 1.10 -35.04
CA ARG B 87 2.87 1.99 -35.63
C ARG B 87 4.25 1.78 -35.05
N GLY B 88 4.57 0.55 -34.61
CA GLY B 88 5.91 0.19 -34.24
C GLY B 88 6.25 0.28 -32.77
N VAL B 89 5.37 0.85 -31.95
CA VAL B 89 5.68 1.01 -30.52
C VAL B 89 5.62 -0.35 -29.84
N GLY B 90 6.73 -0.77 -29.27
CA GLY B 90 6.77 -2.05 -28.60
C GLY B 90 7.26 -1.95 -27.17
N PHE B 91 7.38 -3.09 -26.52
CA PHE B 91 7.81 -3.14 -25.13
C PHE B 91 9.13 -2.41 -24.95
N GLY B 92 9.22 -1.57 -23.91
CA GLY B 92 10.41 -0.82 -23.63
C GLY B 92 10.60 0.45 -24.41
N ASP B 93 9.90 0.63 -25.53
CA ASP B 93 10.03 1.86 -26.30
C ASP B 93 9.53 3.05 -25.48
N ARG B 94 9.99 4.24 -25.88
CA ARG B 94 9.63 5.47 -25.18
C ARG B 94 8.61 6.25 -25.98
N VAL B 95 7.59 6.75 -25.29
CA VAL B 95 6.55 7.59 -25.87
C VAL B 95 6.56 8.93 -25.15
N MET B 96 6.88 10.00 -25.87
CA MET B 96 6.82 11.34 -25.30
C MET B 96 5.38 11.80 -25.17
N ILE B 97 5.11 12.59 -24.13
CA ILE B 97 3.81 13.21 -23.93
C ILE B 97 4.05 14.70 -23.70
N LEU B 98 3.46 15.54 -24.56
CA LEU B 98 3.61 16.99 -24.50
C LEU B 98 2.20 17.59 -24.46
N MET B 99 1.60 17.66 -23.26
CA MET B 99 0.21 18.07 -23.13
C MET B 99 0.04 18.94 -21.89
N LEU B 100 -1.05 19.71 -21.90
CA LEU B 100 -1.51 20.42 -20.71
C LEU B 100 -2.44 19.49 -19.94
N ASN B 101 -3.07 19.99 -18.87
CA ASN B 101 -3.94 19.12 -18.09
C ASN B 101 -5.21 18.83 -18.88
N ARG B 102 -5.41 17.56 -19.22
CA ARG B 102 -6.55 17.08 -19.99
C ARG B 102 -6.51 15.56 -19.97
N THR B 103 -7.69 14.95 -20.20
CA THR B 103 -7.80 13.51 -20.04
C THR B 103 -6.87 12.73 -20.98
N GLU B 104 -6.57 13.28 -22.16
CA GLU B 104 -5.68 12.56 -23.08
C GLU B 104 -4.28 12.36 -22.50
N PHE B 105 -3.87 13.17 -21.52
CA PHE B 105 -2.60 12.90 -20.84
C PHE B 105 -2.65 11.59 -20.09
N VAL B 106 -3.66 11.42 -19.22
CA VAL B 106 -3.83 10.16 -18.50
C VAL B 106 -4.01 9.02 -19.47
N GLU B 107 -4.81 9.23 -20.53
CA GLU B 107 -5.02 8.19 -21.53
C GLU B 107 -3.71 7.77 -22.17
N SER B 108 -2.81 8.72 -22.41
CA SER B 108 -1.59 8.41 -23.13
C SER B 108 -0.59 7.68 -22.24
N VAL B 109 -0.45 8.10 -20.98
CA VAL B 109 0.41 7.37 -20.06
C VAL B 109 -0.04 5.91 -19.97
N LEU B 110 -1.34 5.70 -19.75
CA LEU B 110 -1.86 4.35 -19.61
C LEU B 110 -1.73 3.55 -20.90
N ALA B 111 -2.02 4.17 -22.05
CA ALA B 111 -1.90 3.47 -23.32
C ALA B 111 -0.48 2.99 -23.58
N ALA B 112 0.51 3.88 -23.38
CA ALA B 112 1.90 3.48 -23.54
C ALA B 112 2.27 2.34 -22.61
N ASN B 113 1.88 2.45 -21.33
CA ASN B 113 2.19 1.39 -20.37
C ASN B 113 1.46 0.09 -20.69
N MET B 114 0.27 0.18 -21.29
CA MET B 114 -0.50 -1.02 -21.59
C MET B 114 0.23 -1.95 -22.53
N ILE B 115 1.03 -1.40 -23.45
CA ILE B 115 1.85 -2.22 -24.33
C ILE B 115 3.28 -2.34 -23.82
N GLY B 116 3.53 -1.98 -22.56
CA GLY B 116 4.84 -2.09 -21.96
C GLY B 116 5.83 -1.04 -22.40
N ALA B 117 5.37 0.03 -23.04
CA ALA B 117 6.25 1.13 -23.40
C ALA B 117 6.37 2.10 -22.21
N ILE B 118 7.36 2.99 -22.30
CA ILE B 118 7.70 3.91 -21.22
C ILE B 118 7.21 5.31 -21.60
N ALA B 119 6.32 5.86 -20.78
CA ALA B 119 5.84 7.22 -21.01
C ALA B 119 6.87 8.23 -20.49
N VAL B 120 7.07 9.29 -21.27
CA VAL B 120 8.02 10.36 -20.92
C VAL B 120 7.27 11.68 -20.92
N PRO B 121 6.67 12.10 -19.81
CA PRO B 121 5.93 13.36 -19.80
C PRO B 121 6.88 14.55 -19.84
N LEU B 122 6.49 15.57 -20.60
CA LEU B 122 7.34 16.72 -20.87
C LEU B 122 6.74 18.00 -20.33
N ASN B 123 7.59 18.80 -19.69
CA ASN B 123 7.27 20.17 -19.33
C ASN B 123 6.95 20.97 -20.59
N PHE B 124 5.68 21.35 -20.77
CA PHE B 124 5.25 21.99 -22.01
C PHE B 124 5.82 23.40 -22.21
N ARG B 125 6.58 23.92 -21.25
CA ARG B 125 7.23 25.22 -21.41
C ARG B 125 8.65 25.10 -21.95
N LEU B 126 9.09 23.89 -22.32
CA LEU B 126 10.41 23.69 -22.88
C LEU B 126 10.46 24.12 -24.34
N THR B 127 11.57 24.75 -24.73
CA THR B 127 11.77 25.14 -26.11
C THR B 127 11.90 23.89 -26.99
N PRO B 128 11.55 24.00 -28.28
CA PRO B 128 11.71 22.84 -29.18
C PRO B 128 13.11 22.25 -29.16
N THR B 129 14.14 23.08 -28.98
CA THR B 129 15.49 22.56 -28.86
C THR B 129 15.67 21.76 -27.58
N GLU B 130 15.15 22.27 -26.46
CA GLU B 130 15.28 21.57 -25.19
C GLU B 130 14.62 20.19 -25.25
N ILE B 131 13.44 20.11 -25.88
CA ILE B 131 12.76 18.84 -26.04
C ILE B 131 13.52 17.93 -27.01
N ALA B 132 14.06 18.50 -28.09
CA ALA B 132 14.83 17.70 -29.04
C ALA B 132 16.03 17.05 -28.36
N VAL B 133 16.64 17.74 -27.39
CA VAL B 133 17.74 17.15 -26.65
C VAL B 133 17.26 15.96 -25.83
N LEU B 134 16.04 16.05 -25.26
CA LEU B 134 15.51 14.94 -24.49
C LEU B 134 15.12 13.76 -25.39
N VAL B 135 14.60 14.05 -26.59
CA VAL B 135 14.26 12.99 -27.53
C VAL B 135 15.50 12.18 -27.89
N GLU B 136 16.62 12.85 -28.09
CA GLU B 136 17.86 12.13 -28.40
C GLU B 136 18.38 11.35 -27.21
N ASP B 137 18.09 11.82 -25.99
CA ASP B 137 18.67 11.18 -24.82
C ASP B 137 18.04 9.82 -24.53
N CYS B 138 16.72 9.69 -24.74
CA CYS B 138 16.03 8.44 -24.53
C CYS B 138 15.57 7.79 -25.83
N VAL B 139 15.93 8.38 -26.98
CA VAL B 139 15.63 7.84 -28.29
C VAL B 139 14.16 7.45 -28.39
N ALA B 140 13.29 8.43 -28.41
CA ALA B 140 11.86 8.21 -28.52
C ALA B 140 11.41 8.55 -29.93
N HIS B 141 10.54 7.71 -30.50
CA HIS B 141 10.08 7.91 -31.87
C HIS B 141 8.66 8.44 -31.97
N VAL B 142 7.94 8.50 -30.85
CA VAL B 142 6.54 8.90 -30.82
C VAL B 142 6.34 10.04 -29.84
N MET B 143 5.54 11.03 -30.21
CA MET B 143 5.15 12.11 -29.30
C MET B 143 3.65 12.30 -29.37
N LEU B 144 2.98 12.13 -28.24
CA LEU B 144 1.56 12.43 -28.12
C LEU B 144 1.42 13.84 -27.54
N THR B 145 0.73 14.71 -28.27
CA THR B 145 0.64 16.12 -27.91
C THR B 145 -0.79 16.58 -28.19
N GLU B 146 -1.03 17.89 -28.11
CA GLU B 146 -2.34 18.46 -28.40
C GLU B 146 -2.19 19.62 -29.37
N ALA B 147 -3.33 20.15 -29.84
CA ALA B 147 -3.32 21.15 -30.91
C ALA B 147 -2.54 22.39 -30.51
N ALA B 148 -2.69 22.86 -29.26
CA ALA B 148 -1.98 24.05 -28.83
C ALA B 148 -0.47 23.86 -28.90
N LEU B 149 0.02 22.64 -28.70
CA LEU B 149 1.44 22.37 -28.67
C LEU B 149 1.95 21.69 -29.94
N ALA B 150 1.09 21.51 -30.94
CA ALA B 150 1.52 20.81 -32.15
C ALA B 150 2.60 21.56 -32.94
N PRO B 151 2.62 22.89 -33.03
CA PRO B 151 3.79 23.54 -33.66
C PRO B 151 5.09 23.22 -32.95
N VAL B 152 5.08 23.06 -31.63
CA VAL B 152 6.32 22.74 -30.93
C VAL B 152 6.79 21.34 -31.30
N ALA B 153 5.87 20.36 -31.33
CA ALA B 153 6.25 19.00 -31.69
C ALA B 153 6.76 18.94 -33.13
N ILE B 154 6.17 19.72 -34.03
CA ILE B 154 6.66 19.82 -35.40
C ILE B 154 8.10 20.33 -35.41
N GLY B 155 8.38 21.36 -34.62
CA GLY B 155 9.72 21.90 -34.56
C GLY B 155 10.73 20.94 -33.96
N VAL B 156 10.30 20.13 -32.99
CA VAL B 156 11.19 19.12 -32.43
C VAL B 156 11.60 18.12 -33.50
N ARG B 157 10.64 17.66 -34.31
CA ARG B 157 10.94 16.72 -35.38
C ARG B 157 11.95 17.28 -36.37
N ASN B 158 11.80 18.55 -36.74
CA ASN B 158 12.73 19.14 -37.71
C ASN B 158 14.14 19.22 -37.16
N ILE B 159 14.29 19.37 -35.84
CA ILE B 159 15.60 19.42 -35.21
C ILE B 159 16.14 18.02 -34.95
N GLN B 160 15.28 17.08 -34.56
CA GLN B 160 15.70 15.74 -34.20
C GLN B 160 14.89 14.73 -34.99
N PRO B 161 15.39 14.26 -36.14
CA PRO B 161 14.58 13.38 -37.00
C PRO B 161 14.31 12.01 -36.41
N LEU B 162 14.75 11.74 -35.17
CA LEU B 162 14.38 10.49 -34.51
C LEU B 162 12.89 10.43 -34.21
N LEU B 163 12.25 11.60 -34.09
CA LEU B 163 10.82 11.68 -33.86
C LEU B 163 10.11 11.62 -35.19
N SER B 164 9.41 10.51 -35.47
CA SER B 164 8.67 10.35 -36.71
C SER B 164 7.15 10.29 -36.54
N VAL B 165 6.64 10.01 -35.34
CA VAL B 165 5.21 9.83 -35.12
C VAL B 165 4.73 10.89 -34.14
N ILE B 166 3.90 11.82 -34.65
CA ILE B 166 3.29 12.87 -33.85
C ILE B 166 1.78 12.69 -33.92
N VAL B 167 1.15 12.54 -32.76
CA VAL B 167 -0.29 12.36 -32.65
C VAL B 167 -0.83 13.52 -31.83
N VAL B 168 -1.75 14.29 -32.42
CA VAL B 168 -2.20 15.56 -31.87
C VAL B 168 -3.60 15.42 -31.30
N ALA B 169 -3.73 15.61 -29.99
CA ALA B 169 -5.03 15.61 -29.35
C ALA B 169 -5.84 16.83 -29.79
N GLY B 170 -7.06 16.58 -30.28
CA GLY B 170 -7.87 17.65 -30.79
C GLY B 170 -7.51 18.12 -32.18
N GLY B 171 -6.64 17.39 -32.88
CA GLY B 171 -6.28 17.72 -34.24
C GLY B 171 -6.68 16.61 -35.19
N SER B 172 -6.60 16.93 -36.49
CA SER B 172 -6.95 15.97 -37.52
C SER B 172 -5.68 15.38 -38.16
N SER B 173 -5.87 14.34 -38.96
CA SER B 173 -4.77 13.70 -39.67
C SER B 173 -4.45 14.54 -40.90
N GLN B 174 -3.36 15.31 -40.83
CA GLN B 174 -2.96 16.24 -41.88
C GLN B 174 -1.52 16.67 -41.61
N ASP B 175 -0.90 17.28 -42.62
CA ASP B 175 0.41 17.91 -42.47
C ASP B 175 1.46 16.95 -41.92
N SER B 176 1.45 15.71 -42.42
CA SER B 176 2.33 14.64 -41.93
C SER B 176 2.20 14.44 -40.42
N VAL B 177 0.98 14.59 -39.88
CA VAL B 177 0.69 14.42 -38.46
C VAL B 177 -0.59 13.62 -38.33
N PHE B 178 -0.66 12.79 -37.30
CA PHE B 178 -1.86 12.00 -37.04
C PHE B 178 -2.82 12.72 -36.11
N GLY B 179 -4.11 12.48 -36.32
CA GLY B 179 -5.12 12.98 -35.43
C GLY B 179 -5.40 11.97 -34.34
N TYR B 180 -5.43 12.46 -33.10
CA TYR B 180 -5.61 11.58 -31.95
C TYR B 180 -6.92 10.81 -32.04
N GLU B 181 -8.04 11.53 -32.18
CA GLU B 181 -9.32 10.83 -32.27
C GLU B 181 -9.39 9.97 -33.53
N ASP B 182 -8.65 10.33 -34.58
CA ASP B 182 -8.61 9.49 -35.78
C ASP B 182 -7.96 8.15 -35.48
N LEU B 183 -6.85 8.14 -34.72
CA LEU B 183 -6.19 6.88 -34.40
C LEU B 183 -7.05 6.01 -33.49
N LEU B 184 -7.81 6.61 -32.58
CA LEU B 184 -8.62 5.78 -31.70
C LEU B 184 -9.73 5.08 -32.47
N ASN B 185 -10.32 5.79 -33.43
CA ASN B 185 -11.43 5.29 -34.23
C ASN B 185 -10.99 4.36 -35.34
N GLU B 186 -9.72 3.98 -35.39
CA GLU B 186 -9.19 3.17 -36.48
C GLU B 186 -8.83 1.75 -36.03
N ALA B 187 -9.18 1.39 -34.79
CA ALA B 187 -8.86 0.10 -34.14
C ALA B 187 -9.14 -1.16 -34.97
N HIS B 191 -5.50 -4.59 -29.14
CA HIS B 191 -4.34 -4.83 -28.29
C HIS B 191 -4.31 -6.23 -27.70
N GLU B 192 -3.22 -6.99 -27.98
CA GLU B 192 -2.94 -8.32 -27.46
C GLU B 192 -2.25 -8.22 -26.10
N PRO B 193 -2.71 -8.97 -25.08
CA PRO B 193 -2.19 -8.79 -23.72
C PRO B 193 -0.67 -8.92 -23.64
N VAL B 194 -0.09 -8.10 -22.76
CA VAL B 194 1.35 -8.02 -22.57
C VAL B 194 1.64 -8.23 -21.09
N ASP B 195 2.55 -9.15 -20.80
CA ASP B 195 2.96 -9.37 -19.41
C ASP B 195 3.88 -8.24 -18.97
N ILE B 196 3.47 -7.49 -17.97
CA ILE B 196 4.23 -6.35 -17.49
C ILE B 196 4.75 -6.63 -16.08
N PRO B 197 5.99 -7.10 -15.95
CA PRO B 197 6.56 -7.31 -14.63
C PRO B 197 6.60 -6.02 -13.84
N ASN B 198 6.40 -6.14 -12.53
CA ASN B 198 6.29 -4.96 -11.66
C ASN B 198 7.58 -4.14 -11.58
N ASP B 199 8.72 -4.70 -12.02
CA ASP B 199 9.97 -3.95 -12.07
C ASP B 199 10.17 -3.26 -13.42
N SER B 200 9.19 -3.34 -14.30
CA SER B 200 9.35 -2.73 -15.61
C SER B 200 9.28 -1.21 -15.48
N PRO B 201 10.15 -0.48 -16.17
CA PRO B 201 10.06 0.98 -16.18
C PRO B 201 8.70 1.44 -16.70
N ALA B 202 8.06 2.33 -15.96
CA ALA B 202 6.79 2.89 -16.37
C ALA B 202 6.91 4.32 -16.88
N LEU B 203 7.83 5.10 -16.32
CA LEU B 203 8.00 6.51 -16.68
C LEU B 203 9.47 6.88 -16.68
N ILE B 204 9.82 7.80 -17.58
CA ILE B 204 11.06 8.57 -17.49
C ILE B 204 10.67 10.00 -17.15
N MET B 205 11.02 10.45 -15.95
CA MET B 205 10.75 11.81 -15.49
C MET B 205 12.05 12.60 -15.55
N TYR B 206 12.17 13.50 -16.52
CA TYR B 206 13.40 14.27 -16.71
C TYR B 206 13.49 15.43 -15.73
N THR B 207 14.65 15.59 -15.12
CA THR B 207 14.86 16.66 -14.15
C THR B 207 14.99 18.01 -14.85
N SER B 208 14.52 19.06 -14.18
CA SER B 208 14.48 20.39 -14.79
C SER B 208 15.70 21.23 -14.46
N GLY B 209 16.62 20.74 -13.63
CA GLY B 209 17.85 21.48 -13.37
C GLY B 209 18.59 21.83 -14.65
N THR B 210 18.69 20.86 -15.57
CA THR B 210 19.26 21.06 -16.91
C THR B 210 20.60 21.77 -16.88
N THR B 211 21.40 21.51 -15.83
CA THR B 211 22.72 22.13 -15.73
C THR B 211 23.60 21.71 -16.90
N GLY B 212 23.76 20.40 -17.11
CA GLY B 212 24.56 19.89 -18.21
C GLY B 212 23.82 18.85 -19.03
N ARG B 213 24.34 17.62 -19.01
CA ARG B 213 23.66 16.53 -19.71
C ARG B 213 22.31 16.26 -19.05
N PRO B 214 21.26 15.96 -19.83
CA PRO B 214 19.95 15.69 -19.23
C PRO B 214 19.96 14.40 -18.41
N LYS B 215 19.20 14.41 -17.32
CA LYS B 215 19.10 13.26 -16.43
C LYS B 215 17.62 12.90 -16.27
N GLY B 216 17.26 11.68 -16.69
CA GLY B 216 15.89 11.23 -16.59
C GLY B 216 15.69 10.12 -15.58
N ALA B 217 14.91 10.39 -14.54
CA ALA B 217 14.66 9.38 -13.52
C ALA B 217 13.73 8.30 -14.08
N VAL B 218 14.13 7.05 -13.92
CA VAL B 218 13.36 5.91 -14.40
C VAL B 218 12.55 5.38 -13.22
N LEU B 219 11.23 5.40 -13.35
CA LEU B 219 10.34 4.94 -12.29
C LEU B 219 9.60 3.69 -12.77
N THR B 220 9.71 2.62 -11.99
CA THR B 220 9.03 1.37 -12.30
C THR B 220 7.63 1.38 -11.70
N HIS B 221 6.79 0.43 -12.14
CA HIS B 221 5.47 0.29 -11.56
C HIS B 221 5.55 0.00 -10.06
N ALA B 222 6.56 -0.77 -9.64
CA ALA B 222 6.74 -1.03 -8.21
C ALA B 222 7.00 0.26 -7.45
N ASN B 223 7.87 1.11 -7.99
CA ASN B 223 8.09 2.44 -7.44
C ASN B 223 6.77 3.17 -7.21
N LEU B 224 5.96 3.30 -8.26
CA LEU B 224 4.71 4.04 -8.17
C LEU B 224 3.74 3.39 -7.18
N THR B 225 3.70 2.06 -7.15
CA THR B 225 2.86 1.37 -6.17
C THR B 225 3.25 1.74 -4.75
N GLY B 226 4.55 1.76 -4.46
CA GLY B 226 5.00 2.17 -3.13
C GLY B 226 4.67 3.61 -2.82
N GLN B 227 4.71 4.48 -3.83
CA GLN B 227 4.35 5.88 -3.61
C GLN B 227 2.85 6.04 -3.38
N ALA B 228 2.03 5.18 -3.97
CA ALA B 228 0.61 5.20 -3.65
C ALA B 228 0.38 4.75 -2.21
N MET B 229 1.17 3.78 -1.77
CA MET B 229 1.06 3.32 -0.38
C MET B 229 1.28 4.45 0.60
N THR B 230 2.32 5.26 0.35
CA THR B 230 2.60 6.41 1.22
C THR B 230 1.40 7.36 1.30
N ALA B 231 0.67 7.52 0.20
CA ALA B 231 -0.53 8.36 0.25
C ALA B 231 -1.63 7.70 1.07
N LEU B 232 -1.66 6.36 1.10
CA LEU B 232 -2.74 5.66 1.81
C LEU B 232 -2.59 5.76 3.32
N TYR B 233 -1.37 5.68 3.85
CA TYR B 233 -1.16 5.71 5.29
C TYR B 233 -0.84 7.10 5.82
N THR B 234 -1.02 8.13 5.01
CA THR B 234 -0.93 9.51 5.48
C THR B 234 -2.24 10.26 5.28
N SER B 235 -2.79 10.25 4.06
CA SER B 235 -4.06 10.91 3.80
C SER B 235 -5.26 10.04 4.14
N GLY B 236 -5.12 8.71 4.10
CA GLY B 236 -6.25 7.84 4.28
C GLY B 236 -7.08 7.75 3.01
N ALA B 237 -8.24 7.12 3.13
CA ALA B 237 -9.08 6.91 1.95
C ALA B 237 -10.46 6.45 2.38
N ASN B 238 -11.47 6.88 1.61
CA ASN B 238 -12.82 6.34 1.72
C ASN B 238 -13.23 5.85 0.34
N ILE B 239 -13.30 4.52 0.17
CA ILE B 239 -13.57 3.90 -1.11
C ILE B 239 -14.95 4.26 -1.66
N ASN B 240 -15.83 4.80 -0.83
CA ASN B 240 -17.20 5.05 -1.27
C ASN B 240 -17.46 6.50 -1.66
N SER B 241 -16.74 7.45 -1.09
CA SER B 241 -17.09 8.86 -1.25
C SER B 241 -15.96 9.76 -1.73
N ASP B 242 -14.71 9.31 -1.72
CA ASP B 242 -13.59 10.19 -2.04
C ASP B 242 -13.58 10.58 -3.51
N VAL B 243 -13.23 11.84 -3.77
CA VAL B 243 -13.07 12.37 -5.12
C VAL B 243 -11.77 13.16 -5.15
N GLY B 244 -10.85 12.77 -6.05
CA GLY B 244 -9.53 13.36 -6.08
C GLY B 244 -9.45 14.56 -7.00
N PHE B 245 -8.34 15.28 -6.88
CA PHE B 245 -8.14 16.54 -7.59
C PHE B 245 -6.65 16.70 -7.89
N VAL B 246 -6.34 16.99 -9.15
CA VAL B 246 -4.98 17.33 -9.57
C VAL B 246 -5.05 18.69 -10.28
N GLY B 247 -4.40 19.70 -9.70
CA GLY B 247 -4.43 21.03 -10.26
C GLY B 247 -3.05 21.56 -10.62
N VAL B 248 -2.01 20.87 -10.20
CA VAL B 248 -0.64 21.15 -10.62
C VAL B 248 -0.45 20.52 -12.00
N PRO B 249 0.61 20.84 -12.74
CA PRO B 249 0.75 20.25 -14.08
C PRO B 249 0.89 18.73 -14.01
N LEU B 250 0.13 18.04 -14.86
CA LEU B 250 0.17 16.59 -14.90
C LEU B 250 1.53 16.05 -15.34
N PHE B 251 2.35 16.84 -16.05
CA PHE B 251 3.68 16.37 -16.40
C PHE B 251 4.61 16.33 -15.20
N HIS B 252 4.31 17.10 -14.15
CA HIS B 252 5.16 17.14 -12.98
C HIS B 252 4.87 15.95 -12.08
N ILE B 253 5.90 15.50 -11.36
CA ILE B 253 5.74 14.31 -10.53
C ILE B 253 4.63 14.51 -9.51
N ALA B 254 4.37 15.77 -9.12
CA ALA B 254 3.27 16.07 -8.21
C ALA B 254 1.91 15.85 -8.88
N GLY B 255 1.79 16.19 -10.16
CA GLY B 255 0.54 15.92 -10.86
C GLY B 255 0.31 14.43 -11.05
N ILE B 256 1.28 13.75 -11.67
CA ILE B 256 1.15 12.32 -11.91
C ILE B 256 0.96 11.57 -10.60
N GLY B 257 1.58 12.05 -9.51
CA GLY B 257 1.43 11.39 -8.23
C GLY B 257 0.03 11.51 -7.64
N ASN B 258 -0.69 12.58 -7.97
CA ASN B 258 -2.07 12.73 -7.51
C ASN B 258 -3.04 11.81 -8.24
N MET B 259 -2.57 11.06 -9.23
CA MET B 259 -3.40 10.09 -9.93
C MET B 259 -3.33 8.70 -9.30
N LEU B 260 -2.34 8.45 -8.44
CA LEU B 260 -2.11 7.10 -7.95
C LEU B 260 -3.27 6.59 -7.12
N THR B 261 -3.71 7.38 -6.15
CA THR B 261 -4.85 7.00 -5.33
C THR B 261 -6.07 6.71 -6.21
N GLY B 262 -6.37 7.61 -7.15
CA GLY B 262 -7.57 7.44 -7.95
C GLY B 262 -7.56 6.16 -8.76
N LEU B 263 -6.45 5.91 -9.46
CA LEU B 263 -6.36 4.73 -10.32
C LEU B 263 -6.29 3.44 -9.51
N LEU B 264 -5.62 3.46 -8.36
CA LEU B 264 -5.54 2.26 -7.53
C LEU B 264 -6.90 1.90 -6.93
N LEU B 265 -7.54 2.87 -6.29
CA LEU B 265 -8.76 2.62 -5.54
C LEU B 265 -10.03 2.72 -6.39
N GLY B 266 -9.91 3.03 -7.67
CA GLY B 266 -11.09 3.13 -8.50
C GLY B 266 -11.99 4.31 -8.19
N LEU B 267 -11.43 5.38 -7.65
CA LEU B 267 -12.11 6.63 -7.32
C LEU B 267 -11.92 7.64 -8.45
N PRO B 268 -12.89 8.54 -8.66
CA PRO B 268 -12.72 9.54 -9.71
C PRO B 268 -11.67 10.57 -9.35
N THR B 269 -11.11 11.20 -10.39
CA THR B 269 -10.13 12.26 -10.23
C THR B 269 -10.55 13.45 -11.09
N VAL B 270 -10.65 14.62 -10.47
CA VAL B 270 -10.88 15.85 -11.22
C VAL B 270 -9.55 16.34 -11.79
N ILE B 271 -9.49 16.52 -13.10
CA ILE B 271 -8.37 17.15 -13.76
C ILE B 271 -8.70 18.63 -13.91
N TYR B 272 -7.98 19.48 -13.19
CA TYR B 272 -8.27 20.90 -13.30
C TYR B 272 -7.39 21.52 -14.40
N PRO B 273 -7.98 22.28 -15.32
CA PRO B 273 -7.17 22.90 -16.38
C PRO B 273 -6.19 23.91 -15.79
N LEU B 274 -5.03 24.01 -16.42
CA LEU B 274 -4.02 24.98 -15.97
C LEU B 274 -4.40 26.38 -16.44
N GLY B 275 -4.19 27.35 -15.57
CA GLY B 275 -4.56 28.72 -15.89
C GLY B 275 -4.40 29.61 -14.66
N ALA B 276 -4.86 30.85 -14.82
CA ALA B 276 -4.78 31.82 -13.74
C ALA B 276 -5.52 31.32 -12.51
N PHE B 277 -5.02 31.70 -11.33
CA PHE B 277 -5.58 31.25 -10.07
C PHE B 277 -6.74 32.15 -9.68
N ASP B 278 -7.93 31.56 -9.56
CA ASP B 278 -9.12 32.25 -9.08
C ASP B 278 -9.63 31.51 -7.85
N PRO B 279 -9.47 32.06 -6.64
CA PRO B 279 -9.91 31.32 -5.45
C PRO B 279 -11.40 31.04 -5.43
N GLY B 280 -12.20 31.99 -5.91
CA GLY B 280 -13.64 31.79 -5.90
C GLY B 280 -14.09 30.70 -6.86
N GLN B 281 -13.48 30.68 -8.06
CA GLN B 281 -13.89 29.68 -9.05
C GLN B 281 -13.42 28.29 -8.67
N LEU B 282 -12.20 28.18 -8.12
CA LEU B 282 -11.72 26.90 -7.61
C LEU B 282 -12.67 26.36 -6.54
N LEU B 283 -13.04 27.21 -5.58
CA LEU B 283 -13.97 26.79 -4.53
C LEU B 283 -15.32 26.36 -5.13
N ASP B 284 -15.77 27.06 -6.16
CA ASP B 284 -16.98 26.64 -6.85
C ASP B 284 -16.83 25.25 -7.44
N VAL B 285 -15.67 24.98 -8.07
CA VAL B 285 -15.45 23.66 -8.66
C VAL B 285 -15.35 22.60 -7.57
N LEU B 286 -14.60 22.89 -6.49
CA LEU B 286 -14.50 21.93 -5.39
C LEU B 286 -15.88 21.61 -4.82
N GLU B 287 -16.73 22.62 -4.69
CA GLU B 287 -18.10 22.40 -4.27
C GLU B 287 -18.84 21.48 -5.23
N ALA B 288 -18.85 21.84 -6.52
CA ALA B 288 -19.64 21.09 -7.50
C ALA B 288 -19.19 19.64 -7.59
N GLU B 289 -17.89 19.40 -7.62
CA GLU B 289 -17.36 18.06 -7.86
C GLU B 289 -17.27 17.23 -6.59
N LYS B 290 -17.55 17.82 -5.43
CA LYS B 290 -17.50 17.13 -4.14
C LYS B 290 -16.11 16.57 -3.84
N VAL B 291 -15.09 17.41 -4.06
CA VAL B 291 -13.70 16.98 -3.88
C VAL B 291 -13.40 16.80 -2.40
N THR B 292 -12.63 15.74 -2.09
CA THR B 292 -12.35 15.38 -0.70
C THR B 292 -10.90 15.61 -0.29
N GLY B 293 -10.01 15.93 -1.22
CA GLY B 293 -8.63 16.24 -0.90
C GLY B 293 -7.97 17.08 -1.98
N ILE B 294 -7.25 18.14 -1.58
CA ILE B 294 -6.63 19.05 -2.53
C ILE B 294 -5.28 19.49 -1.98
N PHE B 295 -4.35 19.77 -2.89
CA PHE B 295 -3.05 20.37 -2.58
C PHE B 295 -3.01 21.79 -3.12
N LEU B 296 -2.53 22.71 -2.30
CA LEU B 296 -2.26 24.08 -2.70
C LEU B 296 -0.99 24.55 -2.02
N VAL B 297 -0.36 25.58 -2.60
CA VAL B 297 0.80 26.19 -1.96
C VAL B 297 0.29 27.16 -0.90
N PRO B 298 1.08 27.49 0.12
CA PRO B 298 0.57 28.36 1.20
C PRO B 298 -0.03 29.68 0.72
N ALA B 299 0.57 30.32 -0.28
CA ALA B 299 -0.01 31.53 -0.84
C ALA B 299 -1.44 31.28 -1.31
N GLN B 300 -1.65 30.19 -2.07
CA GLN B 300 -2.99 29.87 -2.56
C GLN B 300 -3.96 29.58 -1.42
N TRP B 301 -3.50 28.88 -0.37
CA TRP B 301 -4.37 28.59 0.75
C TRP B 301 -4.86 29.87 1.42
N GLN B 302 -4.01 30.89 1.49
CA GLN B 302 -4.43 32.16 2.07
C GLN B 302 -5.55 32.79 1.25
N ALA B 303 -5.41 32.78 -0.08
CA ALA B 303 -6.45 33.32 -0.96
C ALA B 303 -7.71 32.47 -0.93
N VAL B 304 -7.57 31.16 -0.68
CA VAL B 304 -8.75 30.29 -0.61
C VAL B 304 -9.42 30.40 0.74
N CYS B 305 -8.64 30.57 1.81
CA CYS B 305 -9.21 30.65 3.15
C CYS B 305 -10.04 31.92 3.34
N THR B 306 -9.49 33.07 2.95
CA THR B 306 -10.25 34.32 3.11
C THR B 306 -11.47 34.33 2.20
N GLU B 307 -11.38 33.73 1.01
CA GLU B 307 -12.54 33.63 0.14
C GLU B 307 -13.61 32.72 0.73
N GLN B 308 -13.20 31.62 1.37
CA GLN B 308 -14.15 30.69 1.97
C GLN B 308 -14.73 31.26 3.27
N GLN B 309 -13.90 31.94 4.06
CA GLN B 309 -14.42 32.54 5.28
C GLN B 309 -15.43 33.64 4.98
N ALA B 310 -15.21 34.40 3.90
CA ALA B 310 -16.14 35.47 3.57
C ALA B 310 -17.43 34.95 2.96
N ARG B 311 -17.34 33.95 2.08
CA ARG B 311 -18.50 33.42 1.38
C ARG B 311 -18.39 31.90 1.33
N PRO B 312 -18.81 31.21 2.38
CA PRO B 312 -18.57 29.76 2.46
C PRO B 312 -19.26 28.99 1.35
N ARG B 313 -18.52 28.05 0.78
CA ARG B 313 -19.06 27.04 -0.11
C ARG B 313 -19.33 25.75 0.66
N ASP B 314 -20.24 24.93 0.14
CA ASP B 314 -20.54 23.63 0.75
C ASP B 314 -19.53 22.62 0.20
N LEU B 315 -18.43 22.45 0.93
CA LEU B 315 -17.34 21.61 0.49
C LEU B 315 -17.44 20.23 1.14
N ARG B 316 -16.66 19.29 0.60
CA ARG B 316 -16.54 17.95 1.17
C ARG B 316 -15.09 17.63 1.50
N LEU B 317 -14.24 18.65 1.63
CA LEU B 317 -12.82 18.43 1.89
C LEU B 317 -12.63 17.69 3.21
N ARG B 318 -11.86 16.61 3.16
CA ARG B 318 -11.48 15.83 4.33
C ARG B 318 -10.01 15.98 4.69
N VAL B 319 -9.13 16.22 3.71
CA VAL B 319 -7.70 16.40 3.95
C VAL B 319 -7.20 17.54 3.09
N LEU B 320 -6.44 18.45 3.68
CA LEU B 320 -5.80 19.56 2.97
C LEU B 320 -4.29 19.34 2.96
N SER B 321 -3.66 19.60 1.82
CA SER B 321 -2.23 19.43 1.67
C SER B 321 -1.59 20.74 1.25
N TRP B 322 -0.41 21.01 1.81
CA TRP B 322 0.35 22.19 1.43
C TRP B 322 1.83 21.84 1.37
N GLY B 323 2.59 22.67 0.67
CA GLY B 323 4.01 22.44 0.53
C GLY B 323 4.60 23.43 -0.46
N ALA B 324 5.85 23.15 -0.84
CA ALA B 324 6.60 23.87 -1.87
C ALA B 324 6.88 25.32 -1.51
N ALA B 325 6.66 25.71 -0.25
CA ALA B 325 6.94 27.04 0.29
C ALA B 325 6.59 27.02 1.77
N PRO B 326 7.18 27.89 2.59
CA PRO B 326 6.84 27.89 4.01
C PRO B 326 5.45 28.44 4.27
N ALA B 327 4.88 28.07 5.41
CA ALA B 327 3.52 28.48 5.77
C ALA B 327 3.55 29.15 7.13
N PRO B 328 3.13 30.41 7.24
CA PRO B 328 3.13 31.08 8.54
C PRO B 328 2.25 30.36 9.55
N ASP B 329 2.65 30.45 10.83
CA ASP B 329 1.88 29.78 11.88
C ASP B 329 0.48 30.35 11.97
N ALA B 330 0.29 31.62 11.59
CA ALA B 330 -1.04 32.19 11.53
C ALA B 330 -1.88 31.50 10.47
N LEU B 331 -1.32 31.31 9.27
CA LEU B 331 -2.05 30.67 8.19
C LEU B 331 -2.48 29.25 8.56
N LEU B 332 -1.57 28.46 9.14
CA LEU B 332 -1.91 27.09 9.53
C LEU B 332 -3.11 27.06 10.46
N ARG B 333 -3.12 27.94 11.47
CA ARG B 333 -4.28 28.02 12.35
C ARG B 333 -5.50 28.58 11.63
N GLN B 334 -5.29 29.49 10.67
CA GLN B 334 -6.41 29.98 9.88
C GLN B 334 -7.03 28.88 9.02
N MET B 335 -6.20 28.01 8.43
CA MET B 335 -6.72 26.91 7.64
C MET B 335 -7.50 25.93 8.51
N SER B 336 -6.98 25.62 9.70
CA SER B 336 -7.69 24.74 10.62
C SER B 336 -9.02 25.35 11.03
N ALA B 337 -9.05 26.68 11.22
CA ALA B 337 -10.29 27.34 11.64
C ALA B 337 -11.26 27.45 10.47
N THR B 338 -10.77 27.71 9.27
CA THR B 338 -11.64 27.85 8.11
C THR B 338 -12.22 26.49 7.69
N PHE B 339 -11.46 25.41 7.86
CA PHE B 339 -11.90 24.07 7.49
C PHE B 339 -11.81 23.15 8.70
N PRO B 340 -12.74 23.25 9.64
CA PRO B 340 -12.74 22.31 10.77
C PRO B 340 -13.04 20.90 10.29
N GLU B 341 -12.68 19.93 11.12
CA GLU B 341 -12.91 18.51 10.85
C GLU B 341 -12.18 18.05 9.58
N THR B 342 -11.10 18.74 9.21
CA THR B 342 -10.22 18.30 8.13
C THR B 342 -8.79 18.23 8.66
N GLN B 343 -8.06 17.19 8.26
CA GLN B 343 -6.65 17.07 8.63
C GLN B 343 -5.79 17.79 7.60
N ILE B 344 -4.66 18.31 8.07
CA ILE B 344 -3.77 19.13 7.26
C ILE B 344 -2.40 18.46 7.22
N LEU B 345 -1.93 18.16 6.01
CA LEU B 345 -0.66 17.47 5.80
C LEU B 345 0.28 18.33 4.97
N ALA B 346 1.57 18.08 5.14
CA ALA B 346 2.63 18.69 4.34
C ALA B 346 3.70 17.65 4.08
N ALA B 347 3.85 17.25 2.81
CA ALA B 347 4.86 16.29 2.40
C ALA B 347 6.17 17.00 2.04
N PHE B 348 7.26 16.25 2.09
CA PHE B 348 8.56 16.76 1.69
C PHE B 348 9.40 15.64 1.09
N GLY B 349 10.23 16.01 0.11
CA GLY B 349 11.24 15.13 -0.43
C GLY B 349 10.99 14.66 -1.85
N GLN B 350 9.75 14.62 -2.29
CA GLN B 350 9.45 14.07 -3.60
C GLN B 350 10.08 14.93 -4.69
N THR B 351 10.87 14.28 -5.55
CA THR B 351 11.41 14.87 -6.76
C THR B 351 11.23 13.87 -7.89
N GLU B 352 11.83 14.13 -9.05
CA GLU B 352 11.79 13.12 -10.11
C GLU B 352 12.46 11.84 -9.65
N MET B 353 13.53 11.94 -8.87
CA MET B 353 14.31 10.78 -8.45
C MET B 353 13.80 10.17 -7.15
N SER B 354 13.27 10.98 -6.25
CA SER B 354 12.91 10.54 -4.91
C SER B 354 11.40 10.55 -4.70
N PRO B 355 10.89 9.69 -3.84
CA PRO B 355 9.49 9.77 -3.42
C PRO B 355 9.35 10.78 -2.28
N VAL B 356 8.12 10.95 -1.81
CA VAL B 356 7.92 11.62 -0.53
C VAL B 356 8.73 10.87 0.52
N THR B 357 9.60 11.60 1.21
CA THR B 357 10.46 11.01 2.24
C THR B 357 10.08 11.44 3.66
N CYS B 358 9.49 12.61 3.82
CA CYS B 358 9.08 13.12 5.12
C CYS B 358 7.64 13.60 5.07
N MET B 359 6.97 13.51 6.22
CA MET B 359 5.57 13.87 6.35
C MET B 359 5.38 14.67 7.62
N LEU B 360 4.63 15.77 7.52
CA LEU B 360 4.29 16.62 8.65
C LEU B 360 2.79 16.56 8.86
N LEU B 361 2.35 15.77 9.84
CA LEU B 361 0.94 15.68 10.19
C LEU B 361 0.49 16.95 10.91
N GLY B 362 -0.82 17.19 10.88
CA GLY B 362 -1.37 18.42 11.44
C GLY B 362 -1.13 18.58 12.93
N GLU B 363 -0.95 17.46 13.64
CA GLU B 363 -0.65 17.51 15.06
C GLU B 363 0.65 18.25 15.34
N ASP B 364 1.69 17.97 14.56
CA ASP B 364 3.02 18.51 14.82
C ASP B 364 3.31 19.82 14.09
N ALA B 365 2.33 20.38 13.38
CA ALA B 365 2.56 21.63 12.67
C ALA B 365 2.79 22.81 13.60
N ILE B 366 2.52 22.67 14.90
CA ILE B 366 2.75 23.71 15.88
C ILE B 366 3.90 23.34 16.81
N ALA B 367 3.88 22.12 17.35
CA ALA B 367 4.94 21.68 18.24
C ALA B 367 6.29 21.70 17.53
N LYS B 368 6.34 21.18 16.31
CA LYS B 368 7.57 21.12 15.54
C LYS B 368 7.47 22.04 14.33
N ARG B 369 7.09 23.29 14.54
CA ARG B 369 6.93 24.23 13.44
C ARG B 369 8.27 24.55 12.78
N GLY B 370 8.25 24.67 11.45
CA GLY B 370 9.46 24.83 10.66
C GLY B 370 10.02 23.53 10.12
N SER B 371 9.63 22.41 10.71
CA SER B 371 10.11 21.09 10.33
C SER B 371 9.41 20.62 9.06
N VAL B 372 10.02 19.63 8.41
CA VAL B 372 9.42 18.99 7.25
C VAL B 372 8.82 17.68 7.74
N GLY B 373 8.87 17.49 9.05
CA GLY B 373 8.29 16.33 9.70
C GLY B 373 9.31 15.23 9.87
N ARG B 374 8.79 14.03 10.07
CA ARG B 374 9.59 12.84 10.30
C ARG B 374 9.69 12.01 9.04
N VAL B 375 10.79 11.24 8.94
CA VAL B 375 10.97 10.34 7.81
C VAL B 375 9.91 9.26 7.85
N ILE B 376 9.20 9.07 6.75
CA ILE B 376 8.05 8.17 6.68
C ILE B 376 8.50 6.73 6.91
N PRO B 377 7.63 5.87 7.45
CA PRO B 377 8.09 4.55 7.92
C PRO B 377 8.58 3.60 6.83
N THR B 378 8.32 3.88 5.56
CA THR B 378 8.80 3.03 4.48
C THR B 378 10.08 3.55 3.84
N VAL B 379 10.75 4.51 4.48
CA VAL B 379 11.97 5.12 3.96
C VAL B 379 13.03 5.11 5.07
N ALA B 380 14.25 4.73 4.73
CA ALA B 380 15.39 4.84 5.62
C ALA B 380 16.24 6.03 5.23
N ALA B 381 16.73 6.77 6.23
CA ALA B 381 17.51 7.97 5.96
C ALA B 381 18.67 8.08 6.94
N ARG B 382 19.77 8.63 6.44
CA ARG B 382 20.92 9.00 7.25
C ARG B 382 21.26 10.46 7.00
N VAL B 383 21.91 11.09 7.97
CA VAL B 383 22.45 12.44 7.82
C VAL B 383 23.96 12.32 7.85
N VAL B 384 24.60 12.49 6.69
CA VAL B 384 26.00 12.13 6.51
C VAL B 384 26.81 13.37 6.13
N ASP B 385 28.13 13.24 6.24
CA ASP B 385 29.07 14.28 5.89
C ASP B 385 29.70 13.98 4.52
N GLN B 386 30.79 14.68 4.20
CA GLN B 386 31.40 14.54 2.89
C GLN B 386 31.89 13.12 2.63
N ASN B 387 32.34 12.42 3.68
CA ASN B 387 32.87 11.07 3.56
C ASN B 387 31.84 9.99 3.90
N MET B 388 30.55 10.31 3.77
CA MET B 388 29.46 9.34 3.97
C MET B 388 29.52 8.70 5.36
N ASN B 389 29.92 9.48 6.36
CA ASN B 389 29.87 9.08 7.75
C ASN B 389 28.76 9.84 8.45
N ASP B 390 27.99 9.14 9.29
CA ASP B 390 26.93 9.78 10.03
C ASP B 390 27.46 10.92 10.89
N VAL B 391 26.81 12.07 10.82
CA VAL B 391 27.17 13.23 11.62
C VAL B 391 26.54 13.08 12.99
N PRO B 392 27.07 13.72 14.04
CA PRO B 392 26.47 13.57 15.37
C PRO B 392 25.02 14.02 15.37
N VAL B 393 24.20 13.32 16.17
CA VAL B 393 22.76 13.58 16.14
C VAL B 393 22.50 15.04 16.47
N GLY B 394 21.72 15.71 15.62
CA GLY B 394 21.40 17.11 15.78
C GLY B 394 22.25 18.05 14.94
N GLU B 395 23.26 17.54 14.25
CA GLU B 395 24.14 18.36 13.45
C GLU B 395 23.68 18.36 12.00
N VAL B 396 24.21 19.32 11.24
CA VAL B 396 23.83 19.51 9.85
C VAL B 396 24.66 18.58 8.98
N GLY B 397 23.99 17.91 8.05
CA GLY B 397 24.63 17.09 7.06
C GLY B 397 23.67 16.91 5.91
N GLU B 398 24.11 16.15 4.90
CA GLU B 398 23.22 15.82 3.80
C GLU B 398 22.40 14.60 4.16
N ILE B 399 21.08 14.66 3.92
CA ILE B 399 20.20 13.53 4.17
C ILE B 399 20.22 12.64 2.94
N VAL B 400 20.45 11.34 3.16
CA VAL B 400 20.57 10.36 2.10
C VAL B 400 19.62 9.21 2.40
N TYR B 401 19.07 8.61 1.35
CA TYR B 401 17.96 7.69 1.48
C TYR B 401 18.25 6.31 0.90
N ARG B 402 17.60 5.30 1.48
CA ARG B 402 17.42 3.98 0.88
C ARG B 402 15.94 3.65 0.97
N ALA B 403 15.37 3.19 -0.14
CA ALA B 403 13.94 2.85 -0.14
C ALA B 403 13.57 2.08 -1.39
N PRO B 404 12.53 1.25 -1.35
CA PRO B 404 12.04 0.64 -2.59
C PRO B 404 11.46 1.65 -3.56
N THR B 405 11.02 2.81 -3.08
CA THR B 405 10.41 3.84 -3.91
C THR B 405 11.41 4.86 -4.46
N LEU B 406 12.71 4.56 -4.44
CA LEU B 406 13.65 5.42 -5.12
C LEU B 406 13.71 5.04 -6.61
N MET B 407 14.11 6.01 -7.43
CA MET B 407 14.25 5.76 -8.86
C MET B 407 15.22 4.62 -9.11
N SER B 408 14.97 3.89 -10.20
CA SER B 408 15.90 2.84 -10.59
C SER B 408 17.27 3.42 -10.94
N CYS B 409 17.30 4.43 -11.79
CA CYS B 409 18.53 4.94 -12.37
C CYS B 409 18.20 6.18 -13.19
N TYR B 410 19.23 6.83 -13.69
CA TYR B 410 19.07 7.83 -14.73
C TYR B 410 19.21 7.14 -16.08
N TRP B 411 18.22 7.31 -16.95
CA TRP B 411 18.13 6.54 -18.18
C TRP B 411 19.42 6.66 -18.98
N ASN B 412 20.09 5.53 -19.21
CA ASN B 412 21.25 5.43 -20.08
C ASN B 412 22.36 6.39 -19.63
N ASN B 413 22.53 6.51 -18.33
CA ASN B 413 23.53 7.42 -17.74
C ASN B 413 24.11 6.75 -16.50
N PRO B 414 24.99 5.76 -16.67
CA PRO B 414 25.51 5.06 -15.50
C PRO B 414 26.39 5.93 -14.63
N GLU B 415 27.03 6.95 -15.21
CA GLU B 415 27.90 7.83 -14.43
C GLU B 415 27.08 8.63 -13.41
N ALA B 416 26.08 9.38 -13.89
CA ALA B 416 25.28 10.19 -12.99
C ALA B 416 24.54 9.33 -11.98
N THR B 417 24.06 8.15 -12.40
CA THR B 417 23.43 7.22 -11.48
C THR B 417 24.40 6.77 -10.40
N ALA B 418 25.65 6.51 -10.78
CA ALA B 418 26.65 6.08 -9.79
C ALA B 418 26.90 7.17 -8.76
N GLU B 419 26.97 8.43 -9.20
CA GLU B 419 27.17 9.54 -8.26
C GLU B 419 25.94 9.74 -7.38
N ALA B 420 24.75 9.58 -7.96
CA ALA B 420 23.51 9.76 -7.19
C ALA B 420 23.43 8.78 -6.03
N PHE B 421 23.92 7.55 -6.23
CA PHE B 421 23.86 6.52 -5.20
C PHE B 421 25.22 6.27 -4.59
N ALA B 422 26.09 7.28 -4.59
CA ALA B 422 27.45 7.13 -4.08
C ALA B 422 27.44 6.61 -2.65
N GLY B 423 28.16 5.52 -2.42
CA GLY B 423 28.21 4.91 -1.11
C GLY B 423 27.00 4.10 -0.74
N GLY B 424 26.13 3.78 -1.70
CA GLY B 424 24.97 2.95 -1.43
C GLY B 424 23.77 3.67 -0.89
N TRP B 425 23.71 4.99 -1.01
CA TRP B 425 22.59 5.79 -0.51
C TRP B 425 22.31 6.91 -1.50
N PHE B 426 21.04 7.24 -1.70
CA PHE B 426 20.67 8.27 -2.67
C PHE B 426 20.89 9.66 -2.08
N HIS B 427 21.67 10.48 -2.77
CA HIS B 427 22.07 11.79 -2.27
C HIS B 427 21.04 12.84 -2.70
N SER B 428 20.29 13.37 -1.72
CA SER B 428 19.21 14.30 -2.01
C SER B 428 19.69 15.69 -2.38
N GLY B 429 20.90 16.06 -1.98
CA GLY B 429 21.33 17.43 -2.13
C GLY B 429 20.83 18.37 -1.06
N ASP B 430 20.01 17.90 -0.13
CA ASP B 430 19.40 18.74 0.89
C ASP B 430 20.19 18.64 2.19
N LEU B 431 20.65 19.79 2.68
CA LEU B 431 21.26 19.88 3.99
C LEU B 431 20.17 19.92 5.05
N VAL B 432 20.18 18.96 5.97
CA VAL B 432 19.16 18.87 6.99
C VAL B 432 19.82 18.68 8.35
N ARG B 433 18.97 18.60 9.35
CA ARG B 433 19.37 18.29 10.72
C ARG B 433 18.22 17.55 11.37
N MET B 434 18.51 16.41 11.98
CA MET B 434 17.49 15.65 12.70
C MET B 434 17.68 15.83 14.20
N ASP B 435 16.58 15.91 14.92
CA ASP B 435 16.63 16.10 16.36
C ASP B 435 16.46 14.75 17.08
N SER B 436 16.40 14.81 18.42
CA SER B 436 16.26 13.61 19.23
C SER B 436 14.92 12.90 19.02
N ASP B 437 13.93 13.59 18.47
CA ASP B 437 12.61 13.02 18.22
C ASP B 437 12.41 12.58 16.77
N GLY B 438 13.45 12.67 15.95
CA GLY B 438 13.34 12.22 14.57
C GLY B 438 12.73 13.22 13.62
N TYR B 439 12.62 14.49 14.01
CA TYR B 439 12.09 15.53 13.13
C TYR B 439 13.20 16.15 12.31
N VAL B 440 12.94 16.31 11.02
CA VAL B 440 13.91 16.80 10.04
C VAL B 440 13.70 18.30 9.85
N TRP B 441 14.79 19.06 9.92
CA TRP B 441 14.79 20.48 9.61
C TRP B 441 15.72 20.71 8.44
N VAL B 442 15.20 21.31 7.36
CA VAL B 442 15.98 21.57 6.17
C VAL B 442 16.60 22.97 6.27
N VAL B 443 17.92 23.04 6.23
CA VAL B 443 18.64 24.31 6.37
C VAL B 443 19.01 24.82 4.99
N ASP B 444 18.72 26.09 4.73
CA ASP B 444 19.00 26.72 3.45
C ASP B 444 18.70 28.21 3.54
N ARG B 445 19.46 28.99 2.77
CA ARG B 445 19.26 30.43 2.69
C ARG B 445 18.06 30.74 1.81
N LYS B 446 17.20 31.64 2.30
CA LYS B 446 16.01 32.02 1.56
C LYS B 446 16.37 32.89 0.34
N LYS B 447 15.41 33.00 -0.58
CA LYS B 447 15.58 33.82 -1.78
C LYS B 447 14.73 35.08 -1.66
N ASP B 448 15.36 36.24 -1.88
CA ASP B 448 14.66 37.52 -1.90
C ASP B 448 14.25 37.82 -3.34
N MET B 449 12.94 37.99 -3.57
CA MET B 449 12.46 38.20 -4.93
C MET B 449 12.83 39.58 -5.46
N ILE B 450 12.80 40.61 -4.61
CA ILE B 450 13.16 41.94 -5.07
C ILE B 450 14.62 42.03 -5.49
N ILE B 451 15.47 41.13 -5.03
CA ILE B 451 16.88 41.16 -5.39
C ILE B 451 17.16 40.10 -6.44
N SER B 452 16.79 38.85 -6.13
CA SER B 452 16.87 37.72 -7.06
C SER B 452 18.16 37.68 -7.87
#